data_1CKL
#
_entry.id   1CKL
#
_cell.length_a   74.823
_cell.length_b   111.204
_cell.length_c   136.986
_cell.angle_alpha   90.00
_cell.angle_beta   90.00
_cell.angle_gamma   90.00
#
_symmetry.space_group_name_H-M   'P 21 21 21'
#
loop_
_entity.id
_entity.type
_entity.pdbx_description
1 polymer 'PROTEIN (CD46)'
2 branched alpha-D-mannopyranose-(1-2)-alpha-D-mannopyranose-(1-3)-alpha-D-mannopyranose-(1-6)-[alpha-D-mannopyranose-(1-2)-alpha-D-mannopyranose-(1-3)]beta-D-mannopyranose-(1-3)-2-acetamido-2-deoxy-beta-D-glucopyranose-(1-4)-2-acetamido-2-deoxy-beta-D-glucopyranose
3 branched alpha-D-mannopyranose-(1-3)-beta-D-mannopyranose-(1-3)-2-acetamido-2-deoxy-beta-D-glucopyranose-(1-4)-2-acetamido-2-deoxy-beta-D-glucopyranose
4 branched beta-D-mannopyranose-(1-4)-2-acetamido-2-deoxy-beta-D-glucopyranose-(1-4)-2-acetamido-2-deoxy-beta-D-glucopyranose
5 branched 2-acetamido-2-deoxy-beta-D-glucopyranose-(1-4)-2-acetamido-2-deoxy-beta-D-glucopyranose
6 branched alpha-D-mannopyranose-(1-3)-[alpha-D-mannopyranose-(1-6)]beta-D-mannopyranose-(1-4)-2-acetamido-2-deoxy-beta-D-glucopyranose-(1-4)-2-acetamido-2-deoxy-beta-D-glucopyranose
7 branched alpha-D-mannopyranose-(1-2)-alpha-D-mannopyranose-(1-6)-[alpha-D-mannopyranose-(1-3)]alpha-D-mannopyranose-(1-6)-[alpha-D-mannopyranose-(1-3)]beta-D-mannopyranose-(1-4)-2-acetamido-2-deoxy-beta-D-glucopyranose-(1-4)-2-acetamido-2-deoxy-beta-D-glucopyranose
8 branched alpha-D-mannopyranose-(1-3)-[alpha-D-mannopyranose-(1-6)]alpha-D-mannopyranose-(1-6)-beta-D-mannopyranose-(1-4)-2-acetamido-2-deoxy-beta-D-glucopyranose-(1-4)-2-acetamido-2-deoxy-beta-D-glucopyranose
9 non-polymer 'CALCIUM ION'
10 non-polymer 'CHLORIDE ION'
11 water water
#
_entity_poly.entity_id   1
_entity_poly.type   'polypeptide(L)'
_entity_poly.pdbx_seq_one_letter_code
;CEEPPTFEAMELIGKPKPYYEIGERVDYKCKKGYFYIPPLATHTICDRNHTWLPVSDDACYRETCPYIRDPLNGQAVPAN
GTYEFGYQMHFICNEGYYLIGEEILYCELKGSVAIWSGKPPICEKV
;
_entity_poly.pdbx_strand_id   A,B,C,D,E,F
#
# COMPACT_ATOMS: atom_id res chain seq x y z
N CYS A 1 -26.34 -2.81 2.37
CA CYS A 1 -26.45 -1.93 1.22
C CYS A 1 -27.10 -2.65 0.06
N GLU A 2 -27.59 -1.86 -0.88
CA GLU A 2 -28.23 -2.38 -2.07
C GLU A 2 -27.21 -2.60 -3.19
N GLU A 3 -27.64 -2.49 -4.43
CA GLU A 3 -26.71 -2.67 -5.54
C GLU A 3 -25.78 -1.47 -5.64
N PRO A 4 -24.46 -1.72 -5.76
CA PRO A 4 -23.44 -0.67 -5.88
C PRO A 4 -23.69 0.17 -7.11
N PRO A 5 -23.22 1.42 -7.13
CA PRO A 5 -23.42 2.31 -8.28
C PRO A 5 -23.04 1.73 -9.66
N THR A 6 -23.45 2.44 -10.71
CA THR A 6 -23.10 2.05 -12.07
C THR A 6 -22.33 3.23 -12.63
N PHE A 7 -21.30 2.93 -13.40
CA PHE A 7 -20.47 3.98 -13.98
C PHE A 7 -20.37 3.83 -15.46
N GLU A 8 -19.96 4.93 -16.06
CA GLU A 8 -19.80 5.03 -17.48
C GLU A 8 -18.46 4.46 -17.95
N ALA A 9 -17.49 4.35 -17.03
CA ALA A 9 -16.14 3.84 -17.33
C ALA A 9 -15.79 2.53 -16.59
N MET A 10 -16.47 2.30 -15.46
CA MET A 10 -16.26 1.11 -14.62
C MET A 10 -17.45 0.16 -14.70
N GLU A 11 -17.13 -1.14 -14.64
CA GLU A 11 -18.10 -2.22 -14.65
C GLU A 11 -17.85 -2.97 -13.36
N LEU A 12 -18.90 -3.29 -12.60
CA LEU A 12 -18.69 -4.06 -11.36
C LEU A 12 -18.06 -5.43 -11.74
N ILE A 13 -17.27 -6.02 -10.84
CA ILE A 13 -16.68 -7.35 -11.07
C ILE A 13 -17.62 -8.29 -10.32
N GLY A 14 -17.95 -9.44 -10.93
CA GLY A 14 -18.87 -10.36 -10.29
C GLY A 14 -20.30 -9.85 -10.47
N LYS A 15 -21.30 -10.70 -10.30
CA LYS A 15 -22.69 -10.26 -10.50
C LYS A 15 -23.34 -9.57 -9.29
N PRO A 16 -24.12 -8.51 -9.52
CA PRO A 16 -24.81 -7.76 -8.46
C PRO A 16 -25.67 -8.58 -7.50
N LYS A 17 -25.55 -8.29 -6.20
CA LYS A 17 -26.36 -8.94 -5.18
C LYS A 17 -27.44 -7.92 -4.84
N PRO A 18 -28.53 -8.37 -4.21
CA PRO A 18 -29.65 -7.49 -3.82
C PRO A 18 -29.34 -6.75 -2.51
N TYR A 19 -28.63 -7.45 -1.63
CA TYR A 19 -28.24 -6.93 -0.33
C TYR A 19 -26.77 -7.25 -0.08
N TYR A 20 -26.08 -6.29 0.51
CA TYR A 20 -24.65 -6.36 0.87
C TYR A 20 -24.52 -6.03 2.36
N GLU A 21 -23.86 -6.89 3.14
CA GLU A 21 -23.68 -6.67 4.57
C GLU A 21 -22.64 -5.57 4.82
N ILE A 22 -22.73 -4.86 5.95
CA ILE A 22 -21.84 -3.75 6.29
C ILE A 22 -20.41 -4.27 6.33
N GLY A 23 -19.50 -3.56 5.68
CA GLY A 23 -18.11 -3.97 5.65
C GLY A 23 -17.82 -4.80 4.40
N GLU A 24 -18.83 -4.99 3.57
CA GLU A 24 -18.66 -5.75 2.34
C GLU A 24 -18.01 -4.83 1.32
N ARG A 25 -17.08 -5.37 0.55
CA ARG A 25 -16.36 -4.61 -0.45
C ARG A 25 -16.59 -5.09 -1.89
N VAL A 26 -16.92 -4.15 -2.76
CA VAL A 26 -17.14 -4.43 -4.18
C VAL A 26 -16.01 -3.81 -4.97
N ASP A 27 -15.58 -4.49 -6.03
CA ASP A 27 -14.51 -4.02 -6.91
C ASP A 27 -14.99 -3.88 -8.34
N TYR A 28 -14.49 -2.86 -9.02
CA TYR A 28 -14.88 -2.61 -10.40
C TYR A 28 -13.74 -2.78 -11.36
N LYS A 29 -14.06 -2.63 -12.64
CA LYS A 29 -13.06 -2.72 -13.71
C LYS A 29 -13.34 -1.74 -14.84
N CYS A 30 -12.28 -1.43 -15.58
CA CYS A 30 -12.42 -0.52 -16.68
C CYS A 30 -13.17 -1.26 -17.80
N LYS A 31 -14.11 -0.57 -18.43
CA LYS A 31 -14.94 -1.15 -19.48
C LYS A 31 -14.09 -1.40 -20.70
N LYS A 32 -14.57 -2.25 -21.61
CA LYS A 32 -13.83 -2.62 -22.80
C LYS A 32 -12.77 -1.62 -23.35
N GLY A 33 -13.13 -0.36 -23.54
CA GLY A 33 -12.18 0.58 -24.12
C GLY A 33 -11.24 1.38 -23.25
N TYR A 34 -11.41 1.27 -21.94
CA TYR A 34 -10.61 2.04 -21.00
C TYR A 34 -9.28 1.50 -20.45
N PHE A 35 -8.54 2.41 -19.84
CA PHE A 35 -7.25 2.15 -19.23
C PHE A 35 -7.29 2.76 -17.82
N TYR A 36 -6.94 2.01 -16.77
CA TYR A 36 -6.93 2.60 -15.40
C TYR A 36 -5.60 3.36 -15.25
N ILE A 37 -5.67 4.52 -14.62
CA ILE A 37 -4.46 5.32 -14.40
C ILE A 37 -4.35 5.58 -12.88
N PRO A 38 -3.29 5.03 -12.24
CA PRO A 38 -3.09 5.21 -10.79
C PRO A 38 -3.18 6.72 -10.46
N PRO A 39 -3.48 7.11 -9.18
CA PRO A 39 -3.70 6.32 -7.97
C PRO A 39 -5.15 5.93 -7.60
N LEU A 40 -6.11 6.82 -7.84
CA LEU A 40 -7.53 6.63 -7.48
C LEU A 40 -8.22 5.25 -7.29
N ALA A 41 -9.21 5.24 -6.41
CA ALA A 41 -9.95 4.03 -6.06
C ALA A 41 -10.90 3.52 -7.13
N THR A 42 -11.16 2.22 -7.09
CA THR A 42 -12.08 1.59 -8.02
C THR A 42 -12.87 0.53 -7.25
N HIS A 43 -13.05 0.76 -5.95
CA HIS A 43 -13.81 -0.20 -5.17
C HIS A 43 -14.58 0.60 -4.17
N THR A 44 -15.37 -0.10 -3.37
CA THR A 44 -16.13 0.57 -2.34
C THR A 44 -16.49 -0.41 -1.29
N ILE A 45 -16.88 0.15 -0.16
CA ILE A 45 -17.26 -0.60 0.99
C ILE A 45 -18.61 -0.08 1.45
N CYS A 46 -19.34 -0.99 2.05
CA CYS A 46 -20.65 -0.75 2.61
C CYS A 46 -20.43 -0.28 4.04
N ASP A 47 -20.50 1.03 4.28
CA ASP A 47 -20.29 1.59 5.62
C ASP A 47 -21.43 1.28 6.62
N ARG A 48 -21.38 1.88 7.79
CA ARG A 48 -22.35 1.63 8.86
C ARG A 48 -23.69 2.34 8.73
N ASN A 49 -23.81 3.09 7.64
CA ASN A 49 -25.01 3.84 7.34
C ASN A 49 -25.72 3.24 6.12
N HIS A 50 -25.36 2.00 5.85
CA HIS A 50 -25.85 1.17 4.76
C HIS A 50 -25.83 1.85 3.39
N THR A 51 -24.82 2.68 3.20
CA THR A 51 -24.58 3.39 1.94
C THR A 51 -23.17 2.99 1.51
N TRP A 52 -22.84 3.23 0.25
CA TRP A 52 -21.51 2.90 -0.26
C TRP A 52 -20.63 4.10 -0.09
N LEU A 53 -19.34 3.86 0.09
CA LEU A 53 -18.41 4.96 0.25
C LEU A 53 -18.29 5.58 -1.14
N PRO A 54 -18.12 6.91 -1.21
CA PRO A 54 -18.01 7.54 -2.54
C PRO A 54 -16.86 6.91 -3.34
N VAL A 55 -17.01 6.87 -4.65
CA VAL A 55 -15.99 6.31 -5.55
C VAL A 55 -16.30 6.91 -6.93
N SER A 56 -15.36 6.86 -7.86
CA SER A 56 -15.60 7.49 -9.16
C SER A 56 -15.11 6.71 -10.34
N ASP A 57 -15.76 6.92 -11.48
CA ASP A 57 -15.38 6.29 -12.73
C ASP A 57 -14.15 7.01 -13.24
N ASP A 58 -14.04 8.27 -12.82
CA ASP A 58 -12.98 9.23 -13.13
C ASP A 58 -11.52 8.82 -13.02
N ALA A 59 -11.21 7.53 -13.11
CA ALA A 59 -9.85 7.02 -13.01
C ALA A 59 -9.63 6.16 -14.24
N CYS A 60 -10.73 5.56 -14.70
CA CYS A 60 -10.70 4.73 -15.90
C CYS A 60 -10.67 5.72 -17.07
N TYR A 61 -9.56 5.71 -17.79
CA TYR A 61 -9.30 6.58 -18.92
C TYR A 61 -9.62 5.97 -20.29
N ARG A 62 -10.31 6.75 -21.11
CA ARG A 62 -10.69 6.34 -22.45
C ARG A 62 -9.55 6.87 -23.30
N GLU A 63 -9.20 6.12 -24.35
CA GLU A 63 -8.09 6.51 -25.22
C GLU A 63 -7.92 7.98 -25.48
N THR A 64 -6.70 8.34 -25.85
CA THR A 64 -6.38 9.70 -26.10
C THR A 64 -5.78 9.94 -27.46
N CYS A 65 -6.06 11.13 -27.97
CA CYS A 65 -5.59 11.62 -29.27
C CYS A 65 -4.29 12.34 -28.90
N PRO A 66 -3.28 12.32 -29.78
CA PRO A 66 -2.00 12.99 -29.48
C PRO A 66 -2.04 14.41 -28.85
N TYR A 67 -0.85 14.97 -28.68
CA TYR A 67 -0.59 16.26 -28.02
C TYR A 67 -0.42 17.51 -28.95
N ILE A 68 -0.91 18.67 -28.48
CA ILE A 68 -0.88 19.95 -29.24
C ILE A 68 -0.08 21.13 -28.62
N ARG A 69 1.14 21.34 -29.13
CA ARG A 69 2.09 22.41 -28.71
C ARG A 69 1.47 23.79 -28.86
N ASP A 70 1.30 24.50 -27.74
CA ASP A 70 0.71 25.84 -27.75
C ASP A 70 1.19 26.62 -28.95
N PRO A 71 0.26 27.00 -29.85
CA PRO A 71 0.64 27.77 -31.03
C PRO A 71 1.26 29.07 -30.58
N LEU A 72 2.58 29.18 -30.71
CA LEU A 72 3.34 30.38 -30.34
C LEU A 72 2.52 31.65 -30.17
N ASN A 73 2.26 32.02 -28.92
CA ASN A 73 1.53 33.23 -28.51
C ASN A 73 0.01 33.11 -28.31
N GLY A 74 -0.34 31.95 -27.77
CA GLY A 74 -1.70 31.57 -27.44
C GLY A 74 -1.46 30.21 -26.81
N GLN A 75 -2.21 29.90 -25.76
CA GLN A 75 -2.05 28.61 -25.08
C GLN A 75 -3.10 27.63 -25.62
N ALA A 76 -2.72 26.36 -25.82
CA ALA A 76 -3.64 25.33 -26.35
C ALA A 76 -4.52 24.64 -25.29
N VAL A 77 -5.27 25.45 -24.55
CA VAL A 77 -6.18 25.05 -23.46
C VAL A 77 -7.41 24.15 -23.76
N PRO A 78 -7.53 22.98 -23.11
CA PRO A 78 -8.70 22.15 -23.38
C PRO A 78 -9.93 22.48 -22.51
N ALA A 79 -11.11 22.40 -23.10
CA ALA A 79 -12.38 22.63 -22.39
C ALA A 79 -12.91 21.24 -22.55
N ASN A 80 -13.64 20.78 -21.54
CA ASN A 80 -14.08 19.39 -21.49
C ASN A 80 -12.66 18.84 -21.22
N GLY A 81 -11.96 19.59 -20.35
CA GLY A 81 -10.59 19.36 -19.91
C GLY A 81 -10.02 17.97 -19.86
N THR A 82 -9.50 17.52 -21.00
CA THR A 82 -8.91 16.20 -21.15
C THR A 82 -8.49 15.92 -22.62
N TYR A 83 -7.39 15.19 -22.82
CA TYR A 83 -6.91 14.85 -24.17
C TYR A 83 -7.44 13.48 -24.64
N GLU A 84 -8.51 13.02 -24.00
CA GLU A 84 -9.19 11.75 -24.31
C GLU A 84 -10.15 12.03 -25.48
N PHE A 85 -10.72 10.97 -26.05
CA PHE A 85 -11.68 11.10 -27.15
C PHE A 85 -13.04 11.63 -26.71
N GLY A 86 -13.87 12.05 -27.67
CA GLY A 86 -15.20 12.54 -27.37
C GLY A 86 -15.28 13.99 -26.93
N TYR A 87 -14.16 14.69 -26.93
CA TYR A 87 -14.14 16.09 -26.51
C TYR A 87 -13.54 17.08 -27.50
N GLN A 88 -13.22 18.29 -27.02
CA GLN A 88 -12.68 19.34 -27.89
C GLN A 88 -11.45 20.12 -27.41
N MET A 89 -10.75 20.70 -28.38
CA MET A 89 -9.54 21.50 -28.19
C MET A 89 -9.82 22.89 -28.71
N HIS A 90 -9.62 23.94 -27.92
CA HIS A 90 -9.79 25.25 -28.52
C HIS A 90 -8.63 26.19 -28.47
N PHE A 91 -8.48 26.93 -29.56
CA PHE A 91 -7.41 27.89 -29.78
C PHE A 91 -7.88 29.33 -29.62
N ILE A 92 -7.96 29.75 -28.35
CA ILE A 92 -8.35 31.10 -27.89
C ILE A 92 -7.13 32.00 -28.12
N CYS A 93 -7.14 32.90 -29.10
CA CYS A 93 -5.93 33.70 -29.19
C CYS A 93 -5.85 34.91 -28.29
N ASN A 94 -4.61 35.37 -28.15
CA ASN A 94 -4.28 36.46 -27.27
C ASN A 94 -4.97 37.76 -27.59
N GLU A 95 -5.65 38.37 -26.61
CA GLU A 95 -6.33 39.69 -26.74
C GLU A 95 -5.65 40.48 -27.87
N GLY A 96 -6.08 40.21 -29.12
CA GLY A 96 -5.50 40.83 -30.29
C GLY A 96 -5.23 39.82 -31.43
N TYR A 97 -4.18 39.00 -31.30
CA TYR A 97 -3.80 37.98 -32.30
C TYR A 97 -4.93 37.06 -32.79
N TYR A 98 -5.44 37.17 -34.02
CA TYR A 98 -6.46 36.19 -34.42
C TYR A 98 -6.07 35.05 -35.37
N LEU A 99 -6.96 34.09 -35.58
CA LEU A 99 -6.56 32.87 -36.29
C LEU A 99 -6.64 32.48 -37.78
N ILE A 100 -5.59 31.76 -38.17
CA ILE A 100 -5.36 31.16 -39.50
C ILE A 100 -5.39 29.66 -39.19
N GLY A 101 -6.60 29.15 -38.99
CA GLY A 101 -6.83 27.78 -38.64
C GLY A 101 -8.20 27.90 -38.01
N GLU A 102 -8.63 26.93 -37.23
CA GLU A 102 -9.97 27.03 -36.66
C GLU A 102 -10.00 26.96 -35.14
N GLU A 103 -10.83 27.81 -34.55
CA GLU A 103 -10.96 27.89 -33.10
C GLU A 103 -11.03 26.61 -32.26
N ILE A 104 -11.66 25.54 -32.75
CA ILE A 104 -11.77 24.31 -31.95
C ILE A 104 -11.46 23.00 -32.71
N LEU A 105 -10.54 22.21 -32.17
CA LEU A 105 -10.17 20.90 -32.75
C LEU A 105 -10.81 19.82 -31.87
N TYR A 106 -11.79 19.10 -32.39
CA TYR A 106 -12.50 18.06 -31.63
C TYR A 106 -11.82 16.70 -31.72
N CYS A 107 -11.50 16.10 -30.57
CA CYS A 107 -10.83 14.79 -30.53
C CYS A 107 -11.88 13.69 -30.40
N GLU A 108 -11.91 12.75 -31.34
CA GLU A 108 -12.89 11.67 -31.26
C GLU A 108 -12.55 10.33 -31.94
N LEU A 109 -13.46 9.37 -31.87
CA LEU A 109 -13.19 8.03 -32.41
C LEU A 109 -12.92 7.85 -33.90
N LYS A 110 -11.68 7.42 -34.17
CA LYS A 110 -11.16 7.16 -35.51
C LYS A 110 -10.52 5.78 -35.52
N GLY A 111 -11.16 4.83 -36.19
CA GLY A 111 -10.63 3.47 -36.21
C GLY A 111 -10.71 2.97 -34.78
N SER A 112 -9.56 2.89 -34.12
CA SER A 112 -9.46 2.44 -32.73
C SER A 112 -8.94 3.61 -31.88
N VAL A 113 -7.94 4.31 -32.40
CA VAL A 113 -7.39 5.46 -31.70
C VAL A 113 -8.44 6.54 -31.87
N ALA A 114 -8.10 7.74 -31.45
CA ALA A 114 -8.97 8.88 -31.58
C ALA A 114 -8.01 9.99 -31.97
N ILE A 115 -8.38 10.79 -32.97
CA ILE A 115 -7.55 11.90 -33.46
C ILE A 115 -8.45 13.16 -33.31
N TRP A 116 -7.86 14.36 -33.18
CA TRP A 116 -8.67 15.59 -33.05
C TRP A 116 -9.33 15.90 -34.43
N SER A 117 -10.04 17.03 -34.56
CA SER A 117 -10.74 17.35 -35.81
C SER A 117 -10.00 18.08 -36.94
N GLY A 118 -9.20 17.34 -37.71
CA GLY A 118 -8.49 17.94 -38.84
C GLY A 118 -7.06 18.38 -38.56
N LYS A 119 -6.79 19.67 -38.75
CA LYS A 119 -5.45 20.22 -38.52
C LYS A 119 -5.59 21.48 -37.62
N PRO A 120 -4.56 21.80 -36.79
CA PRO A 120 -4.55 22.95 -35.86
C PRO A 120 -4.20 24.37 -36.36
N PRO A 121 -4.73 25.43 -35.71
CA PRO A 121 -4.46 26.82 -36.08
C PRO A 121 -3.12 27.50 -35.82
N ILE A 122 -2.85 28.45 -36.72
CA ILE A 122 -1.67 29.30 -36.75
C ILE A 122 -2.20 30.57 -36.05
N CYS A 123 -1.43 31.16 -35.15
CA CYS A 123 -1.88 32.37 -34.46
C CYS A 123 -1.02 33.53 -34.97
N GLU A 124 -1.50 34.17 -36.05
CA GLU A 124 -0.76 35.27 -36.68
C GLU A 124 -0.80 36.68 -36.05
N LYS A 125 -0.48 37.72 -36.82
CA LYS A 125 -0.35 39.06 -36.21
C LYS A 125 -1.03 40.28 -36.87
N VAL A 126 -1.34 41.31 -36.07
CA VAL A 126 -1.99 42.54 -36.57
C VAL A 126 -1.51 43.77 -35.79
N CYS B 1 2.89 15.31 -20.29
CA CYS B 1 2.99 16.62 -19.65
C CYS B 1 4.40 17.16 -19.95
N GLU B 2 4.67 18.38 -19.47
CA GLU B 2 5.98 19.00 -19.64
C GLU B 2 6.95 18.53 -18.54
N GLU B 3 7.90 19.38 -18.17
CA GLU B 3 8.84 19.00 -17.12
C GLU B 3 8.13 19.04 -15.77
N PRO B 4 8.30 17.99 -14.96
CA PRO B 4 7.69 17.87 -13.63
C PRO B 4 8.19 19.00 -12.73
N PRO B 5 7.42 19.37 -11.69
CA PRO B 5 7.82 20.45 -10.78
C PRO B 5 9.23 20.34 -10.19
N THR B 6 9.67 21.43 -9.57
CA THR B 6 10.97 21.46 -8.90
C THR B 6 10.65 21.77 -7.44
N PHE B 7 11.39 21.14 -6.55
CA PHE B 7 11.15 21.36 -5.12
C PHE B 7 12.44 21.73 -4.44
N GLU B 8 12.28 22.27 -3.23
CA GLU B 8 13.42 22.69 -2.44
C GLU B 8 14.03 21.47 -1.76
N ALA B 9 13.19 20.49 -1.40
CA ALA B 9 13.63 19.30 -0.70
C ALA B 9 13.79 18.04 -1.55
N MET B 10 13.08 17.98 -2.67
CA MET B 10 13.12 16.85 -3.60
C MET B 10 13.83 17.19 -4.90
N GLU B 11 14.53 16.20 -5.44
CA GLU B 11 15.26 16.29 -6.69
C GLU B 11 14.65 15.22 -7.57
N LEU B 12 14.32 15.52 -8.82
CA LEU B 12 13.78 14.47 -9.69
C LEU B 12 14.87 13.38 -9.86
N ILE B 13 14.46 12.13 -10.08
CA ILE B 13 15.41 11.03 -10.31
C ILE B 13 15.44 10.91 -11.83
N GLY B 14 16.63 10.71 -12.41
CA GLY B 14 16.73 10.63 -13.86
C GLY B 14 16.64 12.02 -14.45
N LYS B 15 17.08 12.22 -15.69
CA LYS B 15 17.06 13.56 -16.28
C LYS B 15 15.74 13.96 -16.91
N PRO B 16 15.33 15.24 -16.75
CA PRO B 16 14.07 15.77 -17.29
C PRO B 16 13.87 15.59 -18.80
N LYS B 17 12.65 15.19 -19.17
CA LYS B 17 12.28 15.05 -20.58
C LYS B 17 11.46 16.29 -20.88
N PRO B 18 11.31 16.61 -22.17
CA PRO B 18 10.55 17.78 -22.63
C PRO B 18 9.05 17.50 -22.62
N TYR B 19 8.71 16.26 -22.96
CA TYR B 19 7.33 15.78 -23.03
C TYR B 19 7.22 14.42 -22.33
N TYR B 20 6.13 14.26 -21.59
CA TYR B 20 5.81 13.06 -20.83
C TYR B 20 4.43 12.56 -21.25
N GLU B 21 4.31 11.26 -21.40
CA GLU B 21 3.05 10.65 -21.82
C GLU B 21 1.99 10.69 -20.71
N ILE B 22 0.72 10.53 -21.08
CA ILE B 22 -0.31 10.48 -20.05
C ILE B 22 -0.11 9.11 -19.41
N GLY B 23 -0.07 9.08 -18.08
CA GLY B 23 0.13 7.83 -17.37
C GLY B 23 1.59 7.60 -17.04
N GLU B 24 2.44 8.54 -17.43
CA GLU B 24 3.86 8.44 -17.18
C GLU B 24 4.08 8.87 -15.73
N ARG B 25 4.97 8.16 -15.04
CA ARG B 25 5.26 8.44 -13.64
C ARG B 25 6.71 8.85 -13.38
N VAL B 26 6.86 9.95 -12.65
CA VAL B 26 8.17 10.47 -12.29
C VAL B 26 8.36 10.30 -10.78
N ASP B 27 9.59 9.98 -10.38
CA ASP B 27 9.92 9.78 -8.97
C ASP B 27 11.01 10.76 -8.54
N TYR B 28 10.92 11.21 -7.31
CA TYR B 28 11.90 12.15 -6.78
C TYR B 28 12.68 11.54 -5.63
N LYS B 29 13.70 12.26 -5.20
CA LYS B 29 14.48 11.83 -4.07
C LYS B 29 14.77 13.01 -3.19
N CYS B 30 15.02 12.72 -1.94
CA CYS B 30 15.32 13.78 -1.04
C CYS B 30 16.72 14.28 -1.33
N LYS B 31 16.79 15.60 -1.49
CA LYS B 31 18.06 16.26 -1.73
C LYS B 31 18.97 15.85 -0.58
N LYS B 32 20.26 15.85 -0.88
CA LYS B 32 21.34 15.43 0.02
C LYS B 32 21.33 15.69 1.52
N GLY B 33 20.88 16.85 1.96
CA GLY B 33 20.86 17.11 3.40
C GLY B 33 19.53 16.70 4.01
N TYR B 34 18.78 15.85 3.30
CA TYR B 34 17.45 15.45 3.74
C TYR B 34 17.13 13.99 4.03
N PHE B 35 16.34 13.81 5.08
CA PHE B 35 15.88 12.50 5.53
C PHE B 35 14.47 12.27 4.97
N TYR B 36 14.19 11.05 4.51
CA TYR B 36 12.86 10.76 3.99
C TYR B 36 12.09 10.02 5.05
N ILE B 37 10.82 10.39 5.20
CA ILE B 37 10.01 9.75 6.20
C ILE B 37 8.62 9.39 5.65
N PRO B 38 8.35 8.07 5.59
CA PRO B 38 7.09 7.49 5.10
C PRO B 38 5.93 8.18 5.83
N PRO B 39 4.68 8.14 5.29
CA PRO B 39 4.22 7.47 4.07
C PRO B 39 4.13 8.39 2.83
N LEU B 40 3.75 9.66 3.04
CA LEU B 40 3.60 10.70 2.01
C LEU B 40 4.27 10.43 0.65
N ALA B 41 3.56 10.77 -0.43
CA ALA B 41 4.00 10.55 -1.81
C ALA B 41 5.13 11.42 -2.32
N THR B 42 6.03 10.78 -3.06
CA THR B 42 7.19 11.45 -3.64
C THR B 42 7.34 11.03 -5.08
N HIS B 43 6.24 11.11 -5.82
CA HIS B 43 6.22 10.75 -7.22
C HIS B 43 4.92 11.31 -7.72
N THR B 44 4.85 11.54 -9.02
CA THR B 44 3.61 12.02 -9.58
C THR B 44 3.40 11.41 -10.94
N ILE B 45 2.22 11.69 -11.50
CA ILE B 45 1.81 11.19 -12.79
C ILE B 45 1.18 12.26 -13.66
N CYS B 46 1.21 11.98 -14.95
CA CYS B 46 0.69 12.84 -16.00
C CYS B 46 -0.75 12.48 -16.30
N ASP B 47 -1.68 13.39 -15.99
CA ASP B 47 -3.10 13.11 -16.26
C ASP B 47 -3.68 13.67 -17.56
N ARG B 48 -4.99 13.82 -17.58
CA ARG B 48 -5.74 14.29 -18.76
C ARG B 48 -5.45 15.70 -19.13
N ASN B 49 -5.60 16.62 -18.17
CA ASN B 49 -5.29 18.00 -18.46
C ASN B 49 -3.80 18.00 -18.82
N HIS B 50 -3.15 16.80 -18.96
CA HIS B 50 -1.73 16.77 -19.30
C HIS B 50 -1.02 17.64 -18.26
N THR B 51 -1.46 17.47 -17.01
CA THR B 51 -0.89 18.15 -15.85
C THR B 51 -0.40 17.03 -14.93
N TRP B 52 0.43 17.39 -13.95
CA TRP B 52 0.96 16.42 -13.01
C TRP B 52 0.03 16.40 -11.80
N LEU B 53 -0.06 15.25 -11.16
CA LEU B 53 -0.90 15.12 -9.98
C LEU B 53 -0.19 15.91 -8.90
N PRO B 54 -0.93 16.56 -8.00
CA PRO B 54 -0.26 17.32 -6.94
C PRO B 54 0.67 16.42 -6.15
N VAL B 55 1.76 16.99 -5.65
CA VAL B 55 2.74 16.25 -4.85
C VAL B 55 3.49 17.28 -4.03
N SER B 56 4.03 16.83 -2.90
CA SER B 56 4.72 17.72 -1.97
C SER B 56 6.12 17.31 -1.53
N ASP B 57 7.00 18.32 -1.45
CA ASP B 57 8.41 18.15 -1.04
C ASP B 57 8.48 17.86 0.47
N ASP B 58 7.30 17.96 1.08
CA ASP B 58 7.07 17.76 2.49
C ASP B 58 7.41 16.42 3.14
N ALA B 59 7.84 15.44 2.36
CA ALA B 59 8.17 14.12 2.88
C ALA B 59 9.66 14.02 3.26
N CYS B 60 10.41 15.06 2.88
CA CYS B 60 11.85 15.20 3.10
C CYS B 60 12.18 16.18 4.23
N TYR B 61 12.73 15.61 5.30
CA TYR B 61 13.09 16.28 6.54
C TYR B 61 14.59 16.50 6.84
N ARG B 62 14.95 17.72 7.22
CA ARG B 62 16.33 18.02 7.64
C ARG B 62 16.20 18.05 9.16
N GLU B 63 17.27 17.70 9.87
CA GLU B 63 17.24 17.61 11.34
C GLU B 63 16.34 18.52 12.16
N THR B 64 15.95 17.96 13.30
CA THR B 64 15.04 18.61 14.21
C THR B 64 15.53 18.92 15.63
N CYS B 65 15.48 20.19 16.01
CA CYS B 65 15.86 20.55 17.35
C CYS B 65 14.86 19.83 18.24
N PRO B 66 15.32 19.32 19.37
CA PRO B 66 14.50 18.59 20.35
C PRO B 66 13.22 19.32 20.73
N TYR B 67 12.26 18.55 21.23
CA TYR B 67 10.95 19.07 21.65
C TYR B 67 11.10 20.11 22.78
N ILE B 68 10.19 21.10 22.82
CA ILE B 68 10.24 22.13 23.85
C ILE B 68 8.93 22.16 24.59
N ARG B 69 9.00 21.53 25.75
CA ARG B 69 7.91 21.39 26.65
C ARG B 69 7.59 22.84 26.98
N ASP B 70 6.38 23.27 26.69
CA ASP B 70 5.98 24.64 26.97
C ASP B 70 6.38 25.10 28.39
N PRO B 71 7.05 26.27 28.52
CA PRO B 71 7.45 26.75 29.84
C PRO B 71 6.26 26.78 30.77
N LEU B 72 6.48 26.43 32.02
CA LEU B 72 5.40 26.41 33.00
C LEU B 72 4.55 27.68 32.87
N ASN B 73 3.26 27.48 32.64
CA ASN B 73 2.30 28.57 32.50
C ASN B 73 2.41 29.48 31.28
N GLY B 74 3.02 28.92 30.25
CA GLY B 74 3.21 29.62 28.99
C GLY B 74 3.53 28.53 27.98
N GLN B 75 3.18 28.74 26.71
CA GLN B 75 3.41 27.71 25.68
C GLN B 75 4.50 28.06 24.63
N ALA B 76 5.17 27.01 24.17
CA ALA B 76 6.20 27.05 23.13
C ALA B 76 5.46 26.72 21.83
N VAL B 77 5.50 27.62 20.86
CA VAL B 77 4.76 27.47 19.59
C VAL B 77 5.68 27.56 18.34
N PRO B 78 5.80 26.48 17.56
CA PRO B 78 6.69 26.67 16.41
C PRO B 78 6.08 27.43 15.26
N ALA B 79 6.49 28.69 15.10
CA ALA B 79 6.03 29.45 13.94
C ALA B 79 6.71 28.62 12.83
N ASN B 80 6.27 28.73 11.59
CA ASN B 80 6.82 27.88 10.50
C ASN B 80 6.43 26.41 10.76
N GLY B 81 5.53 26.15 11.70
CA GLY B 81 5.08 24.81 12.03
C GLY B 81 6.02 23.61 11.90
N THR B 82 7.29 23.79 12.23
CA THR B 82 8.27 22.72 12.13
C THR B 82 9.41 22.91 13.12
N TYR B 83 10.05 21.80 13.49
CA TYR B 83 11.19 21.77 14.42
C TYR B 83 12.44 21.50 13.60
N GLU B 84 12.37 21.83 12.32
CA GLU B 84 13.50 21.63 11.44
C GLU B 84 14.38 22.87 11.60
N PHE B 85 15.65 22.71 11.30
CA PHE B 85 16.58 23.82 11.40
C PHE B 85 16.30 24.81 10.27
N GLY B 86 16.45 26.09 10.56
CA GLY B 86 16.17 27.12 9.57
C GLY B 86 14.91 27.84 9.99
N TYR B 87 14.29 27.33 11.05
CA TYR B 87 13.05 27.89 11.61
C TYR B 87 13.19 28.23 13.07
N GLN B 88 12.15 28.83 13.64
CA GLN B 88 12.20 29.23 15.03
C GLN B 88 10.98 28.93 15.88
N MET B 89 11.24 28.95 17.18
CA MET B 89 10.26 28.69 18.22
C MET B 89 9.92 30.03 18.88
N HIS B 90 8.67 30.19 19.30
CA HIS B 90 8.20 31.41 19.95
C HIS B 90 7.56 31.03 21.26
N PHE B 91 7.70 31.90 22.24
CA PHE B 91 7.09 31.68 23.54
C PHE B 91 6.44 33.00 23.85
N ILE B 92 5.25 32.90 24.43
CA ILE B 92 4.42 34.01 24.88
C ILE B 92 3.80 33.39 26.13
N CYS B 93 3.46 34.23 27.11
CA CYS B 93 2.89 33.76 28.37
C CYS B 93 1.39 33.82 28.51
N ASN B 94 0.78 32.79 29.08
CA ASN B 94 -0.67 32.84 29.24
C ASN B 94 -1.05 33.96 30.21
N GLU B 95 -2.35 34.14 30.38
CA GLU B 95 -2.97 35.14 31.23
C GLU B 95 -2.30 35.39 32.60
N GLY B 96 -2.03 36.67 32.91
CA GLY B 96 -1.41 37.03 34.17
C GLY B 96 0.11 37.06 34.22
N TYR B 97 0.78 36.53 33.20
CA TYR B 97 2.25 36.49 33.20
C TYR B 97 3.02 37.33 32.16
N TYR B 98 4.34 37.49 32.41
CA TYR B 98 5.31 38.19 31.53
C TYR B 98 6.54 37.26 31.37
N LEU B 99 7.32 37.43 30.30
CA LEU B 99 8.48 36.57 30.05
C LEU B 99 9.81 36.92 30.65
N ILE B 100 10.64 35.89 30.78
CA ILE B 100 12.00 35.96 31.32
C ILE B 100 12.78 34.84 30.59
N GLY B 101 13.57 35.24 29.61
CA GLY B 101 14.33 34.30 28.80
C GLY B 101 14.27 34.95 27.43
N GLU B 102 14.30 34.18 26.35
CA GLU B 102 14.22 34.85 25.06
C GLU B 102 12.90 34.67 24.37
N GLU B 103 12.51 35.72 23.66
CA GLU B 103 11.25 35.80 22.93
C GLU B 103 11.17 34.71 21.84
N ILE B 104 12.23 34.61 21.06
CA ILE B 104 12.35 33.71 19.92
C ILE B 104 13.66 32.88 19.99
N LEU B 105 13.58 31.62 19.58
CA LEU B 105 14.73 30.70 19.57
C LEU B 105 14.85 30.10 18.17
N TYR B 106 16.08 29.94 17.68
CA TYR B 106 16.32 29.41 16.34
C TYR B 106 16.88 28.01 16.36
N CYS B 107 16.61 27.28 15.30
CA CYS B 107 17.10 25.93 15.18
C CYS B 107 18.23 26.01 14.17
N GLU B 108 19.44 25.79 14.67
CA GLU B 108 20.65 25.85 13.85
C GLU B 108 21.21 24.50 13.50
N LEU B 109 21.51 24.38 12.21
CA LEU B 109 22.14 23.20 11.64
C LEU B 109 23.61 23.39 11.98
N LYS B 110 24.13 22.51 12.81
CA LYS B 110 25.52 22.61 13.18
C LYS B 110 26.10 21.20 13.28
N GLY B 111 26.72 20.75 12.18
CA GLY B 111 27.28 19.41 12.12
C GLY B 111 26.26 18.28 12.05
N SER B 112 26.35 17.34 13.01
CA SER B 112 25.45 16.19 13.11
C SER B 112 24.26 16.46 14.03
N VAL B 113 24.11 17.70 14.48
CA VAL B 113 23.02 18.03 15.37
C VAL B 113 22.43 19.41 15.05
N ALA B 114 21.16 19.58 15.37
CA ALA B 114 20.53 20.86 15.13
C ALA B 114 20.16 21.23 16.54
N ILE B 115 20.66 22.38 16.98
CA ILE B 115 20.36 22.79 18.33
C ILE B 115 19.74 24.13 18.39
N TRP B 116 18.89 24.21 19.41
CA TRP B 116 18.14 25.37 19.80
C TRP B 116 19.13 26.44 20.28
N SER B 117 19.00 27.63 19.69
CA SER B 117 19.86 28.75 19.97
C SER B 117 19.90 29.24 21.43
N GLY B 118 19.14 28.62 22.32
CA GLY B 118 19.16 29.07 23.70
C GLY B 118 18.37 28.15 24.60
N LYS B 119 17.88 28.70 25.71
CA LYS B 119 17.08 27.93 26.67
C LYS B 119 15.67 28.51 26.66
N PRO B 120 14.65 27.67 26.73
CA PRO B 120 13.28 28.18 26.72
C PRO B 120 13.01 29.15 27.85
N PRO B 121 12.40 30.31 27.55
CA PRO B 121 12.16 31.19 28.68
C PRO B 121 11.37 30.57 29.82
N ILE B 122 10.86 31.46 30.63
CA ILE B 122 10.02 31.11 31.75
C ILE B 122 9.02 32.25 31.81
N CYS B 123 7.86 31.94 32.35
CA CYS B 123 6.80 32.91 32.53
C CYS B 123 6.55 33.08 34.01
N GLU B 124 6.33 34.31 34.45
CA GLU B 124 6.01 34.51 35.84
C GLU B 124 5.04 35.63 36.10
N LYS B 125 4.38 35.54 37.26
CA LYS B 125 3.33 36.47 37.71
C LYS B 125 3.67 37.96 37.95
N VAL B 126 2.66 38.83 37.87
CA VAL B 126 2.81 40.28 38.14
C VAL B 126 1.49 40.96 38.46
N CYS C 1 6.99 14.68 20.37
CA CYS C 1 5.59 14.56 20.69
C CYS C 1 5.42 13.65 21.90
N GLU C 2 4.21 13.67 22.44
CA GLU C 2 3.86 12.99 23.67
C GLU C 2 3.11 11.68 23.51
N GLU C 3 2.23 11.36 24.45
CA GLU C 3 1.45 10.13 24.35
C GLU C 3 0.39 10.28 23.25
N PRO C 4 0.30 9.30 22.37
CA PRO C 4 -0.67 9.28 21.25
C PRO C 4 -2.09 9.33 21.82
N PRO C 5 -3.06 9.81 21.03
CA PRO C 5 -4.45 9.90 21.49
C PRO C 5 -5.05 8.62 22.06
N THR C 6 -6.21 8.75 22.68
CA THR C 6 -6.94 7.61 23.23
C THR C 6 -8.27 7.61 22.51
N PHE C 7 -8.75 6.41 22.18
CA PHE C 7 -10.01 6.29 21.47
C PHE C 7 -10.94 5.36 22.19
N GLU C 8 -12.21 5.49 21.85
CA GLU C 8 -13.26 4.67 22.45
C GLU C 8 -13.26 3.27 21.82
N ALA C 9 -12.84 3.18 20.56
CA ALA C 9 -12.83 1.92 19.80
C ALA C 9 -11.45 1.28 19.57
N MET C 10 -10.42 2.11 19.62
CA MET C 10 -9.03 1.69 19.41
C MET C 10 -8.22 1.75 20.71
N GLU C 11 -7.32 0.79 20.85
CA GLU C 11 -6.42 0.67 21.99
C GLU C 11 -5.03 0.72 21.39
N LEU C 12 -4.13 1.52 21.92
CA LEU C 12 -2.77 1.55 21.39
C LEU C 12 -2.15 0.14 21.54
N ILE C 13 -1.23 -0.24 20.65
CA ILE C 13 -0.55 -1.54 20.75
C ILE C 13 0.78 -1.21 21.43
N GLY C 14 1.22 -2.02 22.38
CA GLY C 14 2.45 -1.72 23.08
C GLY C 14 2.18 -0.66 24.15
N LYS C 15 3.05 -0.50 25.14
CA LYS C 15 2.81 0.49 26.18
C LYS C 15 3.26 1.91 25.84
N PRO C 16 2.47 2.92 26.24
CA PRO C 16 2.76 4.34 25.99
C PRO C 16 4.13 4.84 26.46
N LYS C 17 4.81 5.60 25.62
CA LYS C 17 6.09 6.21 25.96
C LYS C 17 5.76 7.65 26.30
N PRO C 18 6.67 8.35 27.01
CA PRO C 18 6.50 9.74 27.41
C PRO C 18 6.82 10.70 26.25
N TYR C 19 7.82 10.31 25.46
CA TYR C 19 8.30 11.06 24.32
C TYR C 19 8.48 10.12 23.12
N TYR C 20 8.07 10.61 21.97
CA TYR C 20 8.15 9.91 20.68
C TYR C 20 8.92 10.79 19.72
N GLU C 21 9.76 10.16 18.94
CA GLU C 21 10.57 10.90 18.00
C GLU C 21 9.78 11.33 16.77
N ILE C 22 10.32 12.28 16.01
CA ILE C 22 9.66 12.69 14.79
C ILE C 22 9.85 11.54 13.81
N GLY C 23 8.76 11.10 13.19
CA GLY C 23 8.84 9.99 12.24
C GLY C 23 8.53 8.67 12.92
N GLU C 24 8.24 8.72 14.22
CA GLU C 24 7.90 7.52 14.97
C GLU C 24 6.46 7.18 14.66
N ARG C 25 6.18 5.90 14.50
CA ARG C 25 4.83 5.44 14.18
C ARG C 25 4.21 4.55 15.25
N VAL C 26 2.98 4.87 15.64
CA VAL C 26 2.24 4.10 16.63
C VAL C 26 1.07 3.41 15.94
N ASP C 27 0.77 2.19 16.37
CA ASP C 27 -0.32 1.41 15.80
C ASP C 27 -1.34 1.03 16.87
N TYR C 28 -2.61 1.04 16.49
CA TYR C 28 -3.68 0.71 17.40
C TYR C 28 -4.37 -0.58 17.02
N LYS C 29 -5.28 -1.01 17.88
CA LYS C 29 -6.06 -2.19 17.62
C LYS C 29 -7.50 -1.89 17.96
N CYS C 30 -8.40 -2.72 17.47
CA CYS C 30 -9.81 -2.52 17.78
C CYS C 30 -10.04 -3.25 19.11
N LYS C 31 -10.60 -2.52 20.06
CA LYS C 31 -10.87 -3.05 21.39
C LYS C 31 -11.82 -4.24 21.26
N LYS C 32 -11.75 -5.13 22.24
CA LYS C 32 -12.53 -6.37 22.29
C LYS C 32 -13.82 -6.56 21.45
N GLY C 33 -14.93 -5.95 21.83
CA GLY C 33 -16.19 -6.12 21.10
C GLY C 33 -16.34 -5.34 19.82
N TYR C 34 -15.21 -4.91 19.28
CA TYR C 34 -15.12 -4.16 18.04
C TYR C 34 -14.41 -4.97 16.98
N PHE C 35 -14.87 -4.77 15.76
CA PHE C 35 -14.34 -5.45 14.60
C PHE C 35 -13.57 -4.55 13.69
N TYR C 36 -12.50 -5.12 13.18
CA TYR C 36 -11.67 -4.38 12.27
C TYR C 36 -12.14 -4.45 10.83
N ILE C 37 -12.47 -3.28 10.29
CA ILE C 37 -12.95 -3.13 8.93
C ILE C 37 -11.95 -2.33 8.07
N PRO C 38 -11.47 -2.95 7.00
CA PRO C 38 -10.52 -2.32 6.08
C PRO C 38 -11.02 -1.11 5.28
N PRO C 39 -10.08 -0.25 4.82
CA PRO C 39 -8.62 -0.38 5.03
C PRO C 39 -8.10 0.85 5.79
N LEU C 40 -9.00 1.78 6.05
CA LEU C 40 -8.69 3.00 6.76
C LEU C 40 -7.60 2.93 7.82
N ALA C 41 -6.73 3.92 7.78
CA ALA C 41 -5.60 4.05 8.69
C ALA C 41 -5.92 4.01 10.18
N THR C 42 -5.38 2.99 10.86
CA THR C 42 -5.53 2.85 12.30
C THR C 42 -4.10 2.86 12.88
N HIS C 43 -3.38 3.93 12.55
CA HIS C 43 -2.02 4.18 13.01
C HIS C 43 -1.75 5.67 12.81
N THR C 44 -0.58 6.12 13.24
CA THR C 44 -0.17 7.52 13.10
C THR C 44 1.35 7.71 13.30
N ILE C 45 1.87 8.83 12.83
CA ILE C 45 3.29 9.17 12.90
C ILE C 45 3.40 10.52 13.62
N CYS C 46 4.64 10.97 13.91
CA CYS C 46 4.89 12.25 14.57
C CYS C 46 5.42 13.18 13.47
N ASP C 47 4.76 14.31 13.20
CA ASP C 47 5.27 15.15 12.13
C ASP C 47 6.24 16.26 12.52
N ARG C 48 6.72 16.97 11.49
CA ARG C 48 7.66 18.10 11.59
C ARG C 48 7.27 19.03 12.75
N ASN C 49 5.98 18.97 13.12
CA ASN C 49 5.32 19.79 14.14
C ASN C 49 5.08 19.14 15.55
N HIS C 50 5.83 18.10 15.89
CA HIS C 50 5.73 17.32 17.13
C HIS C 50 4.30 17.04 17.62
N THR C 51 3.42 16.85 16.64
CA THR C 51 2.02 16.50 16.86
C THR C 51 1.81 15.20 16.08
N TRP C 52 0.71 14.51 16.38
CA TRP C 52 0.41 13.26 15.69
C TRP C 52 -0.46 13.58 14.49
N LEU C 53 -0.35 12.77 13.46
CA LEU C 53 -1.16 12.98 12.27
C LEU C 53 -2.58 12.60 12.67
N PRO C 54 -3.59 13.28 12.14
CA PRO C 54 -4.96 12.92 12.52
C PRO C 54 -5.23 11.44 12.23
N VAL C 55 -6.10 10.83 13.03
CA VAL C 55 -6.48 9.43 12.86
C VAL C 55 -7.80 9.26 13.60
N SER C 56 -8.59 8.29 13.23
CA SER C 56 -9.90 8.10 13.85
C SER C 56 -10.20 6.68 14.29
N ASP C 57 -10.92 6.54 15.41
CA ASP C 57 -11.30 5.22 15.94
C ASP C 57 -12.25 4.55 14.94
N ASP C 58 -12.72 5.37 14.02
CA ASP C 58 -13.68 5.02 12.97
C ASP C 58 -13.42 3.89 11.94
N ALA C 59 -12.44 3.00 12.15
CA ALA C 59 -12.24 1.91 11.20
C ALA C 59 -12.71 0.64 11.88
N CYS C 60 -13.10 0.78 13.15
CA CYS C 60 -13.57 -0.32 14.00
C CYS C 60 -15.08 -0.34 14.24
N TYR C 61 -15.74 -1.26 13.56
CA TYR C 61 -17.18 -1.41 13.68
C TYR C 61 -17.51 -2.33 14.84
N ARG C 62 -18.74 -2.28 15.32
CA ARG C 62 -19.14 -3.18 16.37
C ARG C 62 -20.33 -3.95 15.82
N GLU C 63 -21.37 -4.20 16.61
CA GLU C 63 -22.49 -4.94 16.07
C GLU C 63 -23.39 -4.11 15.19
N THR C 64 -23.94 -4.79 14.21
CA THR C 64 -24.78 -4.17 13.25
C THR C 64 -26.16 -4.78 13.30
N CYS C 65 -27.12 -3.90 13.39
CA CYS C 65 -28.51 -4.26 13.46
C CYS C 65 -28.96 -4.19 12.02
N PRO C 66 -29.58 -5.26 11.53
CA PRO C 66 -30.11 -5.45 10.18
C PRO C 66 -30.86 -4.25 9.55
N TYR C 67 -30.43 -3.89 8.34
CA TYR C 67 -30.95 -2.77 7.53
C TYR C 67 -32.45 -2.37 7.57
N ILE C 68 -32.75 -1.08 7.41
CA ILE C 68 -34.15 -0.65 7.43
C ILE C 68 -34.72 0.16 6.26
N ARG C 69 -35.34 -0.63 5.39
CA ARG C 69 -36.02 -0.24 4.17
C ARG C 69 -36.94 0.97 4.32
N ASP C 70 -36.65 1.99 3.52
CA ASP C 70 -37.36 3.27 3.46
C ASP C 70 -38.90 3.12 3.22
N PRO C 71 -39.72 3.24 4.29
CA PRO C 71 -41.19 3.10 4.16
C PRO C 71 -41.89 3.90 3.04
N LEU C 72 -42.92 3.28 2.45
CA LEU C 72 -43.74 3.91 1.38
C LEU C 72 -43.98 5.39 1.78
N ASN C 73 -43.62 6.35 0.91
CA ASN C 73 -43.82 7.80 1.19
C ASN C 73 -43.28 8.26 2.57
N GLY C 74 -41.98 8.45 2.66
CA GLY C 74 -41.37 8.87 3.92
C GLY C 74 -39.97 8.29 3.98
N GLN C 75 -39.05 8.98 4.65
CA GLN C 75 -37.65 8.53 4.71
C GLN C 75 -37.20 7.80 5.97
N ALA C 76 -36.33 6.82 5.78
CA ALA C 76 -35.73 6.05 6.88
C ALA C 76 -34.28 6.52 6.84
N VAL C 77 -33.81 7.12 7.93
CA VAL C 77 -32.45 7.66 8.05
C VAL C 77 -31.99 7.60 9.52
N PRO C 78 -30.71 7.29 9.78
CA PRO C 78 -30.17 7.18 11.15
C PRO C 78 -29.71 8.36 12.02
N ALA C 79 -30.33 8.44 13.19
CA ALA C 79 -30.03 9.43 14.23
C ALA C 79 -28.94 8.70 14.97
N ASN C 80 -27.73 9.26 15.00
CA ASN C 80 -26.53 8.63 15.57
C ASN C 80 -25.70 8.31 14.31
N GLY C 81 -26.27 8.58 13.12
CA GLY C 81 -25.57 8.26 11.88
C GLY C 81 -25.02 6.84 11.73
N THR C 82 -25.72 5.80 12.22
CA THR C 82 -25.21 4.42 12.07
C THR C 82 -26.04 3.25 12.64
N TYR C 83 -25.87 2.06 12.06
CA TYR C 83 -26.54 0.83 12.49
C TYR C 83 -25.79 0.06 13.57
N GLU C 84 -24.67 0.63 14.05
CA GLU C 84 -23.92 -0.02 15.11
C GLU C 84 -24.86 0.01 16.30
N PHE C 85 -25.06 -1.13 16.96
CA PHE C 85 -25.97 -1.20 18.09
C PHE C 85 -25.89 -0.05 19.09
N GLY C 86 -26.94 0.09 19.88
CA GLY C 86 -26.99 1.16 20.85
C GLY C 86 -27.16 2.48 20.13
N TYR C 87 -27.46 2.45 18.83
CA TYR C 87 -27.66 3.69 18.09
C TYR C 87 -29.09 3.85 17.59
N GLN C 88 -29.35 4.76 16.65
CA GLN C 88 -30.74 4.92 16.23
C GLN C 88 -31.13 5.35 14.85
N MET C 89 -32.41 5.16 14.58
CA MET C 89 -33.05 5.48 13.34
C MET C 89 -34.09 6.53 13.62
N HIS C 90 -34.54 7.21 12.58
CA HIS C 90 -35.60 8.20 12.70
C HIS C 90 -36.49 7.81 11.53
N PHE C 91 -37.66 8.42 11.44
CA PHE C 91 -38.59 8.16 10.34
C PHE C 91 -39.42 9.41 10.04
N ILE C 92 -39.26 9.93 8.82
CA ILE C 92 -39.94 11.15 8.41
C ILE C 92 -40.94 11.07 7.25
N CYS C 93 -42.23 11.11 7.55
CA CYS C 93 -43.24 11.20 6.52
C CYS C 93 -43.36 12.74 6.68
N ASN C 94 -43.22 13.51 5.59
CA ASN C 94 -43.28 14.99 5.64
C ASN C 94 -44.54 15.36 4.86
N GLU C 95 -44.34 15.62 3.56
CA GLU C 95 -45.35 15.99 2.60
C GLU C 95 -46.68 15.28 2.73
N GLY C 96 -46.69 13.99 2.37
CA GLY C 96 -47.89 13.17 2.47
C GLY C 96 -48.53 13.33 3.82
N TYR C 97 -48.43 12.31 4.68
CA TYR C 97 -49.02 12.42 6.02
C TYR C 97 -48.20 11.96 7.25
N TYR C 98 -48.85 11.28 8.20
CA TYR C 98 -48.28 10.83 9.50
C TYR C 98 -47.44 9.50 9.69
N LEU C 99 -47.08 9.19 10.95
CA LEU C 99 -46.27 8.02 11.40
C LEU C 99 -47.06 6.81 11.99
N ILE C 100 -47.00 5.61 11.39
CA ILE C 100 -47.80 4.47 11.94
C ILE C 100 -47.09 3.47 12.84
N GLY C 101 -46.19 3.94 13.69
CA GLY C 101 -45.47 3.05 14.60
C GLY C 101 -44.55 3.88 15.45
N GLU C 102 -43.48 3.30 15.97
CA GLU C 102 -42.54 4.09 16.75
C GLU C 102 -41.84 4.89 15.65
N GLU C 103 -41.36 6.09 15.95
CA GLU C 103 -40.73 6.93 14.91
C GLU C 103 -39.22 6.77 14.94
N ILE C 104 -38.72 6.61 16.16
CA ILE C 104 -37.31 6.40 16.45
C ILE C 104 -37.15 4.95 16.90
N LEU C 105 -36.13 4.27 16.41
CA LEU C 105 -35.89 2.88 16.80
C LEU C 105 -34.46 2.72 17.27
N TYR C 106 -34.31 2.39 18.55
CA TYR C 106 -32.99 2.21 19.15
C TYR C 106 -32.56 0.80 18.92
N CYS C 107 -31.39 0.65 18.33
CA CYS C 107 -30.89 -0.67 18.17
C CYS C 107 -30.19 -0.89 19.48
N GLU C 108 -30.38 -2.06 20.03
CA GLU C 108 -29.81 -2.41 21.31
C GLU C 108 -29.35 -3.84 21.13
N LEU C 109 -28.33 -4.23 21.85
CA LEU C 109 -27.83 -5.60 21.74
C LEU C 109 -28.80 -6.55 22.46
N LYS C 110 -28.91 -7.76 21.95
CA LYS C 110 -29.74 -8.83 22.50
C LYS C 110 -28.84 -10.02 22.19
N GLY C 111 -28.98 -11.15 22.91
CA GLY C 111 -28.09 -12.28 22.69
C GLY C 111 -26.75 -11.66 22.40
N SER C 112 -26.19 -11.98 21.23
CA SER C 112 -24.97 -11.28 20.85
C SER C 112 -25.14 -10.73 19.43
N VAL C 113 -26.28 -10.10 19.17
CA VAL C 113 -26.56 -9.53 17.85
C VAL C 113 -27.58 -8.36 17.98
N ALA C 114 -27.25 -7.24 17.36
CA ALA C 114 -28.07 -6.02 17.41
C ALA C 114 -29.49 -6.12 16.88
N ILE C 115 -30.44 -6.13 17.81
CA ILE C 115 -31.89 -6.21 17.56
C ILE C 115 -32.43 -4.78 17.64
N TRP C 116 -33.62 -4.53 17.10
CA TRP C 116 -34.19 -3.18 17.12
C TRP C 116 -35.42 -3.01 18.01
N SER C 117 -35.87 -1.75 18.17
CA SER C 117 -37.03 -1.44 19.01
C SER C 117 -38.41 -2.01 18.62
N GLY C 118 -38.49 -2.90 17.62
CA GLY C 118 -39.78 -3.48 17.27
C GLY C 118 -40.03 -3.96 15.84
N LYS C 119 -40.44 -3.01 14.99
CA LYS C 119 -40.72 -3.18 13.56
C LYS C 119 -40.88 -1.71 13.18
N PRO C 120 -40.33 -1.28 12.03
CA PRO C 120 -40.44 0.12 11.62
C PRO C 120 -41.85 0.58 11.26
N PRO C 121 -42.05 1.90 11.14
CA PRO C 121 -43.39 2.38 10.79
C PRO C 121 -43.56 2.36 9.27
N ILE C 122 -44.74 2.78 8.83
CA ILE C 122 -45.11 2.84 7.41
C ILE C 122 -45.77 4.24 7.33
N CYS C 123 -46.06 4.76 6.14
CA CYS C 123 -46.67 6.11 6.07
C CYS C 123 -48.13 6.23 5.49
N GLU C 124 -48.77 7.41 5.65
CA GLU C 124 -50.23 7.59 5.40
C GLU C 124 -51.13 8.67 4.67
N LYS C 125 -51.64 8.51 3.44
CA LYS C 125 -52.57 9.51 2.81
C LYS C 125 -54.08 9.52 3.32
N VAL C 126 -54.60 10.62 3.90
CA VAL C 126 -56.05 10.72 4.35
C VAL C 126 -56.68 12.13 4.25
N CYS D 1 -14.27 -19.51 -9.55
CA CYS D 1 -13.79 -20.09 -8.31
C CYS D 1 -14.97 -20.57 -7.51
N GLU D 2 -14.69 -21.43 -6.53
CA GLU D 2 -15.75 -21.93 -5.68
C GLU D 2 -15.81 -21.12 -4.39
N GLU D 3 -16.28 -21.73 -3.31
CA GLU D 3 -16.35 -21.03 -2.04
C GLU D 3 -14.94 -20.84 -1.46
N PRO D 4 -14.61 -19.62 -1.01
CA PRO D 4 -13.32 -19.29 -0.42
C PRO D 4 -13.10 -20.13 0.83
N PRO D 5 -11.84 -20.35 1.21
CA PRO D 5 -11.52 -21.16 2.39
C PRO D 5 -12.24 -20.76 3.69
N THR D 6 -12.13 -21.61 4.70
CA THR D 6 -12.71 -21.34 6.01
C THR D 6 -11.54 -21.37 6.96
N PHE D 7 -11.56 -20.46 7.93
CA PHE D 7 -10.48 -20.38 8.89
C PHE D 7 -10.99 -20.43 10.30
N GLU D 8 -10.07 -20.72 11.20
CA GLU D 8 -10.43 -20.80 12.60
C GLU D 8 -10.62 -19.39 13.14
N ALA D 9 -9.74 -18.49 12.74
CA ALA D 9 -9.71 -17.12 13.23
C ALA D 9 -10.44 -16.07 12.40
N MET D 10 -10.59 -16.35 11.11
CA MET D 10 -11.26 -15.46 10.15
C MET D 10 -12.61 -15.98 9.72
N GLU D 11 -13.53 -15.06 9.50
CA GLU D 11 -14.89 -15.35 9.05
C GLU D 11 -15.03 -14.56 7.76
N LEU D 12 -15.54 -15.16 6.70
CA LEU D 12 -15.73 -14.41 5.45
C LEU D 12 -16.73 -13.27 5.72
N ILE D 13 -16.60 -12.15 5.01
CA ILE D 13 -17.54 -11.02 5.15
C ILE D 13 -18.53 -11.23 4.02
N GLY D 14 -19.82 -11.03 4.27
CA GLY D 14 -20.81 -11.25 3.23
C GLY D 14 -21.07 -12.75 3.09
N LYS D 15 -22.18 -13.16 2.48
CA LYS D 15 -22.47 -14.59 2.36
C LYS D 15 -21.81 -15.28 1.16
N PRO D 16 -21.34 -16.52 1.35
CA PRO D 16 -20.68 -17.30 0.30
C PRO D 16 -21.47 -17.50 -1.01
N LYS D 17 -20.79 -17.32 -2.13
CA LYS D 17 -21.39 -17.53 -3.45
C LYS D 17 -20.90 -18.90 -3.88
N PRO D 18 -21.57 -19.52 -4.87
CA PRO D 18 -21.21 -20.85 -5.40
C PRO D 18 -20.06 -20.75 -6.40
N TYR D 19 -20.06 -19.67 -7.16
CA TYR D 19 -19.07 -19.38 -8.18
C TYR D 19 -18.61 -17.92 -8.05
N TYR D 20 -17.30 -17.72 -8.23
CA TYR D 20 -16.63 -16.43 -8.17
C TYR D 20 -15.85 -16.22 -9.46
N GLU D 21 -15.99 -15.04 -10.06
CA GLU D 21 -15.29 -14.69 -11.30
C GLU D 21 -13.78 -14.58 -11.04
N ILE D 22 -12.98 -14.66 -12.11
CA ILE D 22 -11.55 -14.49 -11.98
C ILE D 22 -11.35 -12.99 -11.71
N GLY D 23 -10.53 -12.66 -10.72
CA GLY D 23 -10.31 -11.28 -10.38
C GLY D 23 -11.25 -10.81 -9.28
N GLU D 24 -12.11 -11.71 -8.81
CA GLU D 24 -13.04 -11.39 -7.75
C GLU D 24 -12.29 -11.47 -6.43
N ARG D 25 -12.57 -10.52 -5.54
CA ARG D 25 -11.90 -10.45 -4.26
C ARG D 25 -12.83 -10.61 -3.07
N VAL D 26 -12.45 -11.51 -2.15
CA VAL D 26 -13.21 -11.78 -0.93
C VAL D 26 -12.42 -11.26 0.26
N ASP D 27 -13.14 -10.72 1.24
CA ASP D 27 -12.53 -10.18 2.45
C ASP D 27 -13.05 -10.89 3.69
N TYR D 28 -12.17 -11.08 4.67
CA TYR D 28 -12.54 -11.75 5.92
C TYR D 28 -12.47 -10.82 7.11
N LYS D 29 -12.94 -11.28 8.28
CA LYS D 29 -12.86 -10.50 9.52
C LYS D 29 -12.43 -11.44 10.64
N CYS D 30 -11.98 -10.90 11.76
CA CYS D 30 -11.56 -11.76 12.87
C CYS D 30 -12.71 -12.16 13.79
N LYS D 31 -12.80 -13.45 14.09
CA LYS D 31 -13.87 -14.00 14.92
C LYS D 31 -13.95 -13.49 16.34
N LYS D 32 -15.18 -13.43 16.85
CA LYS D 32 -15.52 -12.94 18.19
C LYS D 32 -14.47 -12.06 18.87
N GLY D 33 -13.46 -12.73 19.40
CA GLY D 33 -12.42 -12.03 20.13
C GLY D 33 -10.97 -12.22 19.72
N TYR D 34 -10.70 -12.20 18.44
CA TYR D 34 -9.33 -12.28 17.96
C TYR D 34 -9.09 -10.81 17.64
N PHE D 35 -7.88 -10.31 17.79
CA PHE D 35 -7.63 -8.93 17.45
C PHE D 35 -6.89 -8.89 16.12
N TYR D 36 -7.30 -7.97 15.24
CA TYR D 36 -6.61 -7.82 13.97
C TYR D 36 -5.37 -7.03 14.21
N ILE D 37 -4.25 -7.57 13.77
CA ILE D 37 -2.97 -6.91 13.94
C ILE D 37 -2.23 -6.75 12.62
N PRO D 38 -1.86 -5.50 12.28
CA PRO D 38 -1.14 -5.26 11.03
C PRO D 38 0.07 -6.19 10.86
N PRO D 39 0.58 -6.35 9.62
CA PRO D 39 0.09 -5.75 8.38
C PRO D 39 -0.55 -6.83 7.49
N LEU D 40 -0.26 -8.09 7.81
CA LEU D 40 -0.78 -9.26 7.10
C LEU D 40 -2.17 -9.16 6.53
N ALA D 41 -2.42 -9.97 5.51
CA ALA D 41 -3.70 -9.99 4.82
C ALA D 41 -4.71 -11.02 5.27
N THR D 42 -5.97 -10.61 5.14
CA THR D 42 -7.17 -11.35 5.48
C THR D 42 -8.15 -11.12 4.31
N HIS D 43 -7.67 -11.40 3.09
CA HIS D 43 -8.46 -11.29 1.85
C HIS D 43 -7.71 -12.07 0.78
N THR D 44 -8.42 -12.42 -0.28
CA THR D 44 -7.82 -13.19 -1.35
C THR D 44 -8.53 -12.91 -2.66
N ILE D 45 -7.86 -13.23 -3.75
CA ILE D 45 -8.39 -12.99 -5.06
C ILE D 45 -8.43 -14.28 -5.86
N CYS D 46 -9.42 -14.36 -6.74
CA CYS D 46 -9.58 -15.54 -7.58
C CYS D 46 -8.60 -15.42 -8.77
N ASP D 47 -7.61 -16.31 -8.85
CA ASP D 47 -6.61 -16.25 -9.92
C ASP D 47 -6.87 -17.06 -11.21
N ARG D 48 -5.94 -16.96 -12.17
CA ARG D 48 -6.02 -17.62 -13.49
C ARG D 48 -6.29 -19.09 -13.49
N ASN D 49 -6.16 -19.68 -12.33
CA ASN D 49 -6.31 -21.10 -12.26
C ASN D 49 -7.61 -21.48 -11.64
N HIS D 50 -8.40 -20.46 -11.42
CA HIS D 50 -9.67 -20.58 -10.76
C HIS D 50 -9.49 -21.13 -9.35
N THR D 51 -8.38 -20.73 -8.72
CA THR D 51 -8.05 -21.08 -7.34
C THR D 51 -7.92 -19.74 -6.61
N TRP D 52 -7.93 -19.76 -5.29
CA TRP D 52 -7.78 -18.55 -4.50
C TRP D 52 -6.31 -18.36 -4.19
N LEU D 53 -5.88 -17.13 -4.04
CA LEU D 53 -4.49 -16.85 -3.72
C LEU D 53 -4.32 -17.29 -2.27
N PRO D 54 -3.16 -17.81 -1.90
CA PRO D 54 -2.98 -18.24 -0.52
C PRO D 54 -3.24 -17.08 0.44
N VAL D 55 -3.74 -17.40 1.65
CA VAL D 55 -4.03 -16.40 2.67
C VAL D 55 -4.08 -17.15 4.01
N SER D 56 -3.89 -16.43 5.11
CA SER D 56 -3.85 -17.02 6.47
C SER D 56 -4.74 -16.29 7.47
N ASP D 57 -5.18 -17.01 8.50
CA ASP D 57 -6.03 -16.45 9.56
C ASP D 57 -5.12 -15.74 10.58
N ASP D 58 -3.83 -15.78 10.26
CA ASP D 58 -2.76 -15.26 11.08
C ASP D 58 -2.57 -13.81 11.43
N ALA D 59 -3.37 -12.90 10.88
CA ALA D 59 -3.21 -11.52 11.29
C ALA D 59 -4.23 -11.37 12.41
N CYS D 60 -4.90 -12.48 12.71
CA CYS D 60 -5.86 -12.49 13.80
C CYS D 60 -5.15 -13.16 14.97
N TYR D 61 -5.01 -12.39 16.03
CA TYR D 61 -4.33 -12.80 17.22
C TYR D 61 -5.23 -12.95 18.44
N ARG D 62 -4.94 -13.84 19.36
CA ARG D 62 -5.72 -13.88 20.63
C ARG D 62 -4.80 -13.23 21.63
N GLU D 63 -5.01 -13.32 22.94
CA GLU D 63 -4.08 -12.58 23.82
C GLU D 63 -2.81 -13.29 24.18
N THR D 64 -1.73 -12.54 24.27
CA THR D 64 -0.43 -13.12 24.58
C THR D 64 0.00 -13.06 26.04
N CYS D 65 0.50 -14.19 26.52
CA CYS D 65 1.01 -14.31 27.87
C CYS D 65 2.46 -13.82 27.77
N PRO D 66 2.99 -13.25 28.86
CA PRO D 66 4.35 -12.71 28.91
C PRO D 66 5.50 -13.64 28.52
N TYR D 67 6.58 -13.03 28.04
CA TYR D 67 7.78 -13.75 27.61
C TYR D 67 8.39 -14.58 28.76
N ILE D 68 9.01 -15.70 28.44
CA ILE D 68 9.63 -16.57 29.46
C ILE D 68 11.08 -16.78 29.10
N ARG D 69 11.93 -15.96 29.74
CA ARG D 69 13.36 -15.99 29.54
C ARG D 69 13.87 -17.43 29.52
N ASP D 70 14.87 -17.68 28.69
CA ASP D 70 15.48 -19.01 28.63
C ASP D 70 15.97 -19.36 30.00
N PRO D 71 15.59 -20.53 30.52
CA PRO D 71 16.04 -20.93 31.86
C PRO D 71 17.56 -20.80 32.03
N LEU D 72 18.02 -21.03 33.24
CA LEU D 72 19.43 -20.95 33.56
C LEU D 72 20.09 -22.23 33.06
N ASN D 73 20.17 -22.36 31.74
CA ASN D 73 20.75 -23.49 30.98
C ASN D 73 19.78 -24.62 30.69
N GLY D 74 19.00 -24.40 29.63
CA GLY D 74 17.98 -25.33 29.20
C GLY D 74 17.00 -24.27 28.76
N GLN D 75 16.57 -24.35 27.51
CA GLN D 75 15.65 -23.42 26.89
C GLN D 75 14.13 -23.64 27.21
N ALA D 76 13.32 -22.58 27.11
CA ALA D 76 11.87 -22.65 27.33
C ALA D 76 11.28 -22.66 25.91
N VAL D 77 10.82 -23.80 25.40
CA VAL D 77 10.32 -23.84 24.02
C VAL D 77 8.81 -23.81 23.78
N PRO D 78 8.33 -22.77 23.10
CA PRO D 78 6.89 -22.67 22.81
C PRO D 78 6.41 -23.68 21.78
N ALA D 79 5.91 -24.83 22.26
CA ALA D 79 5.35 -25.81 21.33
C ALA D 79 4.17 -25.01 20.79
N ASN D 80 3.63 -25.37 19.63
CA ASN D 80 2.54 -24.56 19.02
C ASN D 80 3.09 -23.18 18.59
N GLY D 81 4.41 -23.01 18.62
CA GLY D 81 5.06 -21.75 18.25
C GLY D 81 4.36 -20.42 18.47
N THR D 82 3.64 -20.29 19.59
CA THR D 82 2.93 -19.05 19.91
C THR D 82 2.78 -18.88 21.41
N TYR D 83 2.65 -17.62 21.84
CA TYR D 83 2.46 -17.24 23.24
C TYR D 83 1.01 -16.81 23.40
N GLU D 84 0.16 -17.32 22.52
CA GLU D 84 -1.26 -17.01 22.59
C GLU D 84 -1.86 -18.00 23.57
N PHE D 85 -2.98 -17.60 24.15
CA PHE D 85 -3.65 -18.46 25.10
C PHE D 85 -4.29 -19.64 24.33
N GLY D 86 -4.28 -20.81 24.95
CA GLY D 86 -4.81 -22.00 24.31
C GLY D 86 -3.66 -22.92 23.95
N TYR D 87 -2.45 -22.41 24.17
CA TYR D 87 -1.21 -23.14 23.89
C TYR D 87 -0.32 -23.25 25.11
N GLN D 88 0.78 -23.98 24.97
CA GLN D 88 1.66 -24.18 26.09
C GLN D 88 3.15 -24.05 25.83
N MET D 89 3.87 -23.83 26.93
CA MET D 89 5.31 -23.66 26.96
C MET D 89 5.89 -24.96 27.52
N HIS D 90 6.94 -25.50 26.95
CA HIS D 90 7.49 -26.70 27.57
C HIS D 90 8.99 -26.89 27.45
N PHE D 91 9.59 -27.14 28.60
CA PHE D 91 11.02 -27.25 28.77
C PHE D 91 11.76 -28.60 28.73
N ILE D 92 13.08 -28.45 28.74
CA ILE D 92 14.13 -29.50 28.77
C ILE D 92 15.29 -28.67 29.35
N CYS D 93 16.11 -29.25 30.21
CA CYS D 93 17.27 -28.52 30.74
C CYS D 93 18.36 -29.09 29.87
N ASN D 94 19.31 -28.28 29.41
CA ASN D 94 20.32 -28.90 28.60
C ASN D 94 21.62 -29.42 29.13
N GLU D 95 21.80 -30.66 28.69
CA GLU D 95 22.84 -31.58 29.05
C GLU D 95 22.43 -32.08 30.43
N GLY D 96 21.25 -32.68 30.38
CA GLY D 96 20.56 -33.29 31.48
C GLY D 96 20.72 -32.98 32.93
N TYR D 97 20.19 -31.87 33.40
CA TYR D 97 20.23 -31.65 34.83
C TYR D 97 18.85 -31.57 35.49
N TYR D 98 18.73 -31.34 36.81
CA TYR D 98 17.41 -31.37 37.50
C TYR D 98 16.31 -30.31 37.21
N LEU D 99 15.05 -30.67 37.47
CA LEU D 99 13.89 -29.81 37.14
C LEU D 99 12.81 -29.47 38.22
N ILE D 100 12.62 -28.17 38.50
CA ILE D 100 11.69 -27.61 39.53
C ILE D 100 10.56 -26.62 39.09
N GLY D 101 9.36 -27.13 38.79
CA GLY D 101 8.24 -26.29 38.38
C GLY D 101 7.26 -27.24 37.73
N GLU D 102 7.58 -27.62 36.51
CA GLU D 102 6.83 -28.59 35.72
C GLU D 102 7.46 -28.66 34.34
N GLU D 103 6.90 -29.48 33.46
CA GLU D 103 7.44 -29.60 32.12
C GLU D 103 6.65 -28.73 31.16
N ILE D 104 5.34 -28.70 31.36
CA ILE D 104 4.47 -27.92 30.52
C ILE D 104 3.87 -26.78 31.36
N LEU D 105 3.49 -25.71 30.69
CA LEU D 105 2.86 -24.55 31.32
C LEU D 105 1.81 -24.13 30.33
N TYR D 106 0.62 -23.78 30.81
CA TYR D 106 -0.48 -23.42 29.92
C TYR D 106 -0.92 -21.97 29.96
N CYS D 107 -1.40 -21.47 28.82
CA CYS D 107 -1.91 -20.10 28.75
C CYS D 107 -3.40 -20.11 28.93
N GLU D 108 -3.81 -19.51 30.04
CA GLU D 108 -5.22 -19.44 30.38
C GLU D 108 -5.70 -18.05 30.03
N LEU D 109 -7.00 -17.84 30.04
CA LEU D 109 -7.56 -16.52 29.75
C LEU D 109 -8.39 -16.02 30.91
N LYS D 110 -8.01 -14.87 31.45
CA LYS D 110 -8.71 -14.31 32.60
C LYS D 110 -9.11 -12.85 32.35
N GLY D 111 -10.41 -12.63 32.17
CA GLY D 111 -10.88 -11.27 31.95
C GLY D 111 -10.35 -10.69 30.66
N SER D 112 -9.29 -9.91 30.74
CA SER D 112 -8.72 -9.28 29.55
C SER D 112 -7.21 -9.48 29.44
N VAL D 113 -6.68 -10.42 30.22
CA VAL D 113 -5.26 -10.70 30.17
C VAL D 113 -5.00 -12.20 30.15
N ALA D 114 -3.93 -12.58 29.46
CA ALA D 114 -3.55 -13.98 29.32
C ALA D 114 -2.39 -14.35 30.24
N ILE D 115 -2.63 -15.32 31.12
CA ILE D 115 -1.63 -15.80 32.09
C ILE D 115 -1.43 -17.30 32.13
N TRP D 116 -0.21 -17.70 32.42
CA TRP D 116 0.16 -19.11 32.55
C TRP D 116 -0.26 -19.61 33.93
N SER D 117 -0.41 -20.93 34.10
CA SER D 117 -0.76 -21.48 35.41
C SER D 117 0.51 -22.08 36.04
N GLY D 118 1.29 -21.24 36.71
CA GLY D 118 2.53 -21.68 37.36
C GLY D 118 3.67 -20.68 37.16
N LYS D 119 4.83 -20.92 37.75
CA LYS D 119 5.96 -20.00 37.60
C LYS D 119 7.22 -20.60 36.94
N PRO D 120 8.26 -19.78 36.70
CA PRO D 120 9.53 -20.19 36.09
C PRO D 120 10.24 -21.42 36.69
N PRO D 121 10.02 -22.64 36.14
CA PRO D 121 10.74 -23.77 36.73
C PRO D 121 12.26 -23.50 36.59
N ILE D 122 13.07 -23.80 37.61
CA ILE D 122 14.53 -23.53 37.49
C ILE D 122 15.45 -24.73 37.23
N CYS D 123 16.51 -24.47 36.46
CA CYS D 123 17.51 -25.45 36.03
C CYS D 123 18.70 -25.70 37.02
N GLU D 124 18.58 -26.75 37.85
CA GLU D 124 19.60 -27.13 38.87
C GLU D 124 20.29 -28.51 38.60
N LYS D 125 21.59 -28.45 38.30
CA LYS D 125 22.50 -29.57 37.93
C LYS D 125 22.51 -31.05 38.45
N VAL D 126 22.65 -32.01 37.52
CA VAL D 126 22.76 -33.45 37.84
C VAL D 126 24.25 -33.76 37.97
N CYS E 1 9.45 -9.25 23.06
CA CYS E 1 10.72 -9.25 22.37
C CYS E 1 11.60 -8.22 23.02
N GLU E 2 12.87 -8.37 22.72
CA GLU E 2 13.87 -7.50 23.28
C GLU E 2 14.19 -6.32 22.35
N GLU E 3 15.41 -5.81 22.42
CA GLU E 3 15.79 -4.70 21.57
C GLU E 3 15.94 -5.19 20.12
N PRO E 4 15.35 -4.48 19.16
CA PRO E 4 15.40 -4.81 17.74
C PRO E 4 16.84 -4.78 17.26
N PRO E 5 17.16 -5.52 16.19
CA PRO E 5 18.54 -5.56 15.67
C PRO E 5 19.20 -4.21 15.41
N THR E 6 20.50 -4.25 15.17
CA THR E 6 21.26 -3.05 14.83
C THR E 6 21.84 -3.31 13.46
N PHE E 7 21.89 -2.28 12.63
CA PHE E 7 22.41 -2.42 11.27
C PHE E 7 23.45 -1.36 11.00
N GLU E 8 24.26 -1.55 9.98
CA GLU E 8 25.27 -0.57 9.69
C GLU E 8 24.70 0.54 8.81
N ALA E 9 23.63 0.23 8.09
CA ALA E 9 23.00 1.23 7.21
C ALA E 9 21.72 1.86 7.78
N MET E 10 21.03 1.13 8.66
CA MET E 10 19.79 1.56 9.29
C MET E 10 19.98 1.89 10.77
N GLU E 11 19.25 2.90 11.21
CA GLU E 11 19.25 3.37 12.59
C GLU E 11 17.81 3.23 13.04
N LEU E 12 17.55 2.65 14.21
CA LEU E 12 16.16 2.57 14.69
C LEU E 12 15.61 4.00 14.85
N ILE E 13 14.30 4.19 14.67
CA ILE E 13 13.67 5.51 14.87
C ILE E 13 13.11 5.42 16.30
N GLY E 14 13.27 6.49 17.08
CA GLY E 14 12.80 6.45 18.46
C GLY E 14 13.79 5.69 19.32
N LYS E 15 13.76 5.84 20.63
CA LYS E 15 14.73 5.13 21.48
C LYS E 15 14.34 3.70 21.86
N PRO E 16 15.33 2.79 21.90
CA PRO E 16 15.11 1.39 22.23
C PRO E 16 14.41 1.10 23.56
N LYS E 17 13.45 0.17 23.54
CA LYS E 17 12.74 -0.23 24.75
C LYS E 17 13.39 -1.55 25.14
N PRO E 18 13.21 -1.99 26.39
CA PRO E 18 13.76 -3.25 26.91
C PRO E 18 12.90 -4.45 26.49
N TYR E 19 11.59 -4.22 26.46
CA TYR E 19 10.59 -5.21 26.10
C TYR E 19 9.60 -4.61 25.11
N TYR E 20 9.22 -5.41 24.12
CA TYR E 20 8.28 -5.06 23.05
C TYR E 20 7.17 -6.12 23.03
N GLU E 21 5.91 -5.67 22.97
CA GLU E 21 4.71 -6.55 22.93
C GLU E 21 4.61 -7.30 21.60
N ILE E 22 3.96 -8.46 21.58
CA ILE E 22 3.80 -9.18 20.32
C ILE E 22 2.89 -8.31 19.44
N GLY E 23 3.29 -8.11 18.19
CA GLY E 23 2.53 -7.29 17.28
C GLY E 23 3.03 -5.86 17.27
N GLU E 24 4.06 -5.59 18.05
CA GLU E 24 4.64 -4.25 18.09
C GLU E 24 5.54 -4.09 16.87
N ARG E 25 5.50 -2.92 16.27
CA ARG E 25 6.28 -2.63 15.08
C ARG E 25 7.31 -1.52 15.26
N VAL E 26 8.54 -1.80 14.86
CA VAL E 26 9.64 -0.83 14.94
C VAL E 26 10.02 -0.42 13.52
N ASP E 27 10.37 0.85 13.35
CA ASP E 27 10.77 1.39 12.05
C ASP E 27 12.18 1.95 12.10
N TYR E 28 12.92 1.80 11.01
CA TYR E 28 14.28 2.29 10.94
C TYR E 28 14.41 3.39 9.89
N LYS E 29 15.61 3.93 9.72
CA LYS E 29 15.82 4.96 8.71
C LYS E 29 17.25 4.81 8.21
N CYS E 30 17.57 5.43 7.08
CA CYS E 30 18.92 5.29 6.60
C CYS E 30 19.86 6.29 7.22
N LYS E 31 20.90 5.74 7.84
CA LYS E 31 21.94 6.52 8.50
C LYS E 31 22.46 7.58 7.54
N LYS E 32 22.55 8.81 8.02
CA LYS E 32 23.03 9.92 7.19
C LYS E 32 24.14 9.44 6.19
N GLY E 33 24.07 9.87 4.94
CA GLY E 33 25.07 9.42 3.98
C GLY E 33 24.69 8.10 3.30
N TYR E 34 23.44 7.69 3.51
CA TYR E 34 22.85 6.48 2.93
C TYR E 34 21.50 6.86 2.36
N PHE E 35 21.07 6.14 1.34
CA PHE E 35 19.80 6.43 0.67
C PHE E 35 18.88 5.24 0.59
N TYR E 36 17.59 5.52 0.58
CA TYR E 36 16.62 4.46 0.46
C TYR E 36 16.41 4.15 -1.01
N ILE E 37 16.21 2.87 -1.29
CA ILE E 37 16.00 2.29 -2.61
C ILE E 37 14.90 1.20 -2.48
N PRO E 38 13.67 1.46 -2.97
CA PRO E 38 12.63 0.42 -2.83
C PRO E 38 13.13 -0.87 -3.49
N PRO E 39 12.40 -2.02 -3.39
CA PRO E 39 11.12 -2.24 -2.70
C PRO E 39 11.23 -2.55 -1.20
N LEU E 40 12.24 -3.35 -0.86
CA LEU E 40 12.60 -3.86 0.48
C LEU E 40 12.25 -3.05 1.72
N ALA E 41 11.73 -3.75 2.73
CA ALA E 41 11.31 -3.12 3.98
C ALA E 41 12.39 -2.66 4.96
N THR E 42 12.11 -1.53 5.60
CA THR E 42 12.98 -0.95 6.63
C THR E 42 12.19 -0.86 7.95
N HIS E 43 11.71 -2.02 8.44
CA HIS E 43 10.96 -2.13 9.70
C HIS E 43 10.84 -3.61 10.12
N THR E 44 10.24 -3.90 11.26
CA THR E 44 10.06 -5.28 11.67
C THR E 44 8.98 -5.34 12.72
N ILE E 45 8.56 -6.56 13.06
CA ILE E 45 7.52 -6.74 14.06
C ILE E 45 7.84 -7.89 14.99
N CYS E 46 7.25 -7.81 16.17
CA CYS E 46 7.44 -8.82 17.21
C CYS E 46 6.28 -9.84 17.15
N ASP E 47 6.50 -11.00 16.56
CA ASP E 47 5.42 -11.98 16.47
C ASP E 47 5.40 -13.10 17.53
N ARG E 48 4.52 -14.08 17.35
CA ARG E 48 4.34 -15.20 18.28
C ARG E 48 5.52 -15.83 19.03
N ASN E 49 6.69 -16.01 18.44
CA ASN E 49 7.76 -16.60 19.25
C ASN E 49 8.45 -15.60 20.16
N HIS E 50 8.22 -14.33 19.92
CA HIS E 50 8.85 -13.21 20.64
C HIS E 50 10.22 -12.91 20.03
N THR E 51 10.27 -13.07 18.70
CA THR E 51 11.44 -12.77 17.90
C THR E 51 10.98 -11.71 16.89
N TRP E 52 11.92 -11.04 16.25
CA TRP E 52 11.59 -10.03 15.25
C TRP E 52 11.54 -10.69 13.89
N LEU E 53 10.71 -10.18 12.99
CA LEU E 53 10.62 -10.73 11.66
C LEU E 53 11.92 -10.34 10.98
N PRO E 54 12.46 -11.19 10.10
CA PRO E 54 13.72 -10.84 9.44
C PRO E 54 13.57 -9.52 8.69
N VAL E 55 14.67 -8.77 8.59
CA VAL E 55 14.67 -7.48 7.89
C VAL E 55 16.14 -7.19 7.58
N SER E 56 16.43 -6.37 6.57
CA SER E 56 17.84 -6.07 6.26
C SER E 56 18.17 -4.65 5.83
N ASP E 57 19.42 -4.25 6.05
CA ASP E 57 19.91 -2.90 5.72
C ASP E 57 20.21 -2.61 4.23
N ASP E 58 20.20 -3.68 3.44
CA ASP E 58 20.48 -3.65 2.01
C ASP E 58 19.65 -2.68 1.14
N ALA E 59 18.55 -2.18 1.69
CA ALA E 59 17.67 -1.21 1.02
C ALA E 59 18.24 0.21 1.15
N CYS E 60 19.34 0.33 1.90
CA CYS E 60 20.02 1.60 2.08
C CYS E 60 21.38 1.41 1.46
N TYR E 61 21.83 2.43 0.76
CA TYR E 61 23.09 2.35 0.10
C TYR E 61 23.80 3.68 0.23
N ARG E 62 25.11 3.64 0.37
CA ARG E 62 25.93 4.83 0.49
C ARG E 62 26.38 5.26 -0.88
N GLU E 63 26.90 6.47 -0.97
CA GLU E 63 27.35 7.03 -2.24
C GLU E 63 27.98 6.05 -3.24
N THR E 64 27.62 6.28 -4.49
CA THR E 64 28.00 5.47 -5.64
C THR E 64 28.68 6.25 -6.78
N CYS E 65 29.61 5.59 -7.45
CA CYS E 65 30.40 6.11 -8.59
C CYS E 65 29.63 6.07 -9.91
N PRO E 66 30.09 6.81 -10.96
CA PRO E 66 29.37 6.79 -12.25
C PRO E 66 29.45 5.45 -13.00
N TYR E 67 28.46 5.21 -13.85
CA TYR E 67 28.37 3.97 -14.65
C TYR E 67 29.59 3.79 -15.56
N ILE E 68 29.96 2.54 -15.85
CA ILE E 68 31.11 2.27 -16.73
C ILE E 68 30.68 1.31 -17.85
N ARG E 69 30.52 1.80 -19.07
CA ARG E 69 30.10 0.92 -20.17
C ARG E 69 31.02 -0.27 -20.34
N ASP E 70 30.43 -1.39 -20.78
CA ASP E 70 31.20 -2.60 -21.08
C ASP E 70 32.26 -2.01 -22.01
N PRO E 71 33.55 -2.16 -21.65
CA PRO E 71 34.55 -1.59 -22.54
C PRO E 71 34.27 -1.85 -23.99
N LEU E 72 34.64 -0.83 -24.75
CA LEU E 72 34.51 -0.81 -26.18
C LEU E 72 35.24 -2.11 -26.54
N ASN E 73 34.46 -3.20 -26.56
CA ASN E 73 34.90 -4.57 -26.84
C ASN E 73 35.20 -5.54 -25.66
N GLY E 74 34.23 -5.66 -24.77
CA GLY E 74 34.34 -6.54 -23.61
C GLY E 74 33.43 -6.07 -22.51
N GLN E 75 33.34 -6.84 -21.43
CA GLN E 75 32.49 -6.47 -20.30
C GLN E 75 33.19 -5.78 -19.11
N ALA E 76 32.51 -4.74 -18.60
CA ALA E 76 32.91 -3.93 -17.43
C ALA E 76 32.21 -4.55 -16.21
N VAL E 77 32.86 -5.51 -15.53
CA VAL E 77 32.22 -6.22 -14.40
C VAL E 77 32.35 -5.72 -12.93
N PRO E 78 31.23 -5.43 -12.25
CA PRO E 78 31.44 -5.00 -10.87
C PRO E 78 31.37 -6.17 -9.88
N ALA E 79 32.50 -6.45 -9.22
CA ALA E 79 32.59 -7.48 -8.20
C ALA E 79 31.95 -6.75 -7.01
N ASN E 80 31.50 -7.46 -5.98
CA ASN E 80 30.80 -6.81 -4.86
C ASN E 80 29.45 -6.26 -5.35
N GLY E 81 29.03 -6.62 -6.56
CA GLY E 81 27.77 -6.17 -7.14
C GLY E 81 27.21 -4.78 -6.80
N THR E 82 28.07 -3.79 -6.64
CA THR E 82 27.64 -2.43 -6.31
C THR E 82 28.63 -1.39 -6.84
N TYR E 83 28.11 -0.19 -7.07
CA TYR E 83 28.88 0.96 -7.56
C TYR E 83 29.06 1.91 -6.38
N GLU E 84 28.97 1.37 -5.17
CA GLU E 84 29.14 2.18 -3.98
C GLU E 84 30.63 2.23 -3.72
N PHE E 85 31.05 3.27 -3.04
CA PHE E 85 32.45 3.44 -2.71
C PHE E 85 32.84 2.39 -1.66
N GLY E 86 34.06 1.88 -1.77
CA GLY E 86 34.52 0.87 -0.86
C GLY E 86 34.62 -0.45 -1.61
N TYR E 87 34.16 -0.41 -2.86
CA TYR E 87 34.16 -1.58 -3.76
C TYR E 87 34.89 -1.30 -5.05
N GLN E 88 35.01 -2.33 -5.87
CA GLN E 88 35.74 -2.17 -7.12
C GLN E 88 35.11 -2.79 -8.37
N MET E 89 35.57 -2.27 -9.51
CA MET E 89 35.14 -2.68 -10.83
C MET E 89 36.26 -3.52 -11.43
N HIS E 90 35.91 -4.56 -12.14
CA HIS E 90 36.89 -5.42 -12.80
C HIS E 90 36.65 -5.14 -14.27
N PHE E 91 37.30 -5.91 -15.13
CA PHE E 91 37.15 -5.82 -16.58
C PHE E 91 37.75 -7.11 -17.12
N ILE E 92 36.99 -7.84 -17.93
CA ILE E 92 37.53 -9.07 -18.48
C ILE E 92 37.50 -8.84 -19.97
N CYS E 93 38.59 -9.19 -20.64
CA CYS E 93 38.54 -9.00 -22.05
C CYS E 93 38.11 -10.21 -22.80
N ASN E 94 37.14 -9.97 -23.66
CA ASN E 94 36.53 -11.01 -24.48
C ASN E 94 37.58 -11.97 -25.02
N GLU E 95 37.29 -13.26 -25.04
CA GLU E 95 38.29 -14.21 -25.51
C GLU E 95 38.75 -13.93 -26.94
N GLY E 96 40.05 -14.09 -27.17
CA GLY E 96 40.59 -13.82 -28.49
C GLY E 96 41.03 -12.37 -28.59
N TYR E 97 40.91 -11.67 -27.47
CA TYR E 97 41.28 -10.28 -27.37
C TYR E 97 42.18 -10.29 -26.11
N TYR E 98 43.14 -9.37 -26.01
CA TYR E 98 43.99 -9.24 -24.81
C TYR E 98 43.57 -7.91 -24.15
N LEU E 99 44.26 -7.39 -23.13
CA LEU E 99 43.76 -6.16 -22.48
C LEU E 99 44.76 -5.10 -21.97
N ILE E 100 44.39 -3.82 -22.04
CA ILE E 100 45.27 -2.69 -21.61
C ILE E 100 44.61 -1.45 -20.96
N GLY E 101 45.10 -1.12 -19.76
CA GLY E 101 44.64 -0.01 -18.94
C GLY E 101 44.84 -0.53 -17.52
N GLU E 102 43.79 -0.66 -16.72
CA GLU E 102 43.94 -1.25 -15.37
C GLU E 102 42.98 -2.46 -15.33
N GLU E 103 43.32 -3.51 -14.58
CA GLU E 103 42.44 -4.68 -14.50
C GLU E 103 41.33 -4.43 -13.47
N ILE E 104 41.68 -3.85 -12.33
CA ILE E 104 40.71 -3.52 -11.27
C ILE E 104 40.72 -1.98 -11.16
N LEU E 105 39.64 -1.41 -10.66
CA LEU E 105 39.55 0.03 -10.42
C LEU E 105 38.76 0.11 -9.12
N TYR E 106 39.08 1.11 -8.31
CA TYR E 106 38.44 1.29 -7.01
C TYR E 106 37.50 2.47 -6.95
N CYS E 107 36.32 2.19 -6.41
CA CYS E 107 35.29 3.19 -6.19
C CYS E 107 35.46 3.41 -4.70
N GLU E 108 35.93 4.60 -4.35
CA GLU E 108 36.12 5.01 -2.97
C GLU E 108 35.84 6.50 -3.03
N LEU E 109 35.58 7.14 -1.90
CA LEU E 109 35.24 8.56 -1.96
C LEU E 109 36.28 9.59 -1.60
N LYS E 110 36.00 10.84 -2.00
CA LYS E 110 36.86 11.97 -1.67
C LYS E 110 35.96 13.11 -1.19
N GLY E 111 35.81 13.14 0.13
CA GLY E 111 35.01 14.17 0.75
C GLY E 111 33.52 14.08 0.42
N SER E 112 33.04 15.00 -0.40
CA SER E 112 31.63 15.02 -0.76
C SER E 112 31.12 14.47 -2.13
N VAL E 113 31.83 13.46 -2.70
CA VAL E 113 31.48 12.72 -3.94
C VAL E 113 32.39 11.46 -4.13
N ALA E 114 31.88 10.36 -4.70
CA ALA E 114 32.65 9.08 -4.90
C ALA E 114 33.30 9.03 -6.30
N ILE E 115 34.61 8.71 -6.35
CA ILE E 115 35.34 8.66 -7.63
C ILE E 115 36.03 7.34 -7.95
N TRP E 116 36.35 7.14 -9.23
CA TRP E 116 37.04 5.95 -9.69
C TRP E 116 38.57 6.21 -9.65
N SER E 117 39.34 5.16 -9.36
CA SER E 117 40.81 5.22 -9.28
C SER E 117 41.46 5.73 -10.55
N GLY E 118 40.76 5.50 -11.66
CA GLY E 118 41.26 5.92 -12.95
C GLY E 118 40.19 5.87 -14.00
N LYS E 119 40.57 5.41 -15.19
CA LYS E 119 39.68 5.29 -16.35
C LYS E 119 39.61 3.84 -16.82
N PRO E 120 38.57 3.49 -17.60
CA PRO E 120 38.40 2.13 -18.12
C PRO E 120 39.44 1.80 -19.21
N PRO E 121 40.15 0.67 -19.06
CA PRO E 121 41.16 0.20 -20.01
C PRO E 121 40.54 -0.08 -21.37
N ILE E 122 41.09 0.47 -22.46
CA ILE E 122 40.51 0.16 -23.80
C ILE E 122 41.06 -1.23 -24.13
N CYS E 123 40.28 -2.06 -24.82
CA CYS E 123 40.79 -3.37 -25.16
C CYS E 123 41.39 -3.60 -26.54
N GLU E 124 42.32 -4.55 -26.60
CA GLU E 124 43.15 -4.85 -27.76
C GLU E 124 43.28 -6.33 -28.18
N LYS E 125 43.36 -6.63 -29.48
CA LYS E 125 43.57 -8.01 -29.98
C LYS E 125 45.11 -8.07 -30.24
N VAL E 126 45.68 -9.13 -30.81
CA VAL E 126 47.14 -9.14 -31.11
C VAL E 126 47.64 -10.27 -32.00
N CYS F 1 21.72 1.89 -15.56
CA CYS F 1 21.10 0.64 -15.99
C CYS F 1 20.73 0.91 -17.45
N GLU F 2 20.72 -0.14 -18.26
CA GLU F 2 20.39 -0.03 -19.69
C GLU F 2 18.89 -0.06 -19.93
N GLU F 3 18.47 -0.55 -21.10
CA GLU F 3 17.04 -0.62 -21.38
C GLU F 3 16.41 -1.75 -20.55
N PRO F 4 15.27 -1.46 -19.89
CA PRO F 4 14.54 -2.41 -19.07
C PRO F 4 14.08 -3.59 -19.92
N PRO F 5 13.85 -4.76 -19.31
CA PRO F 5 13.42 -5.95 -20.05
C PRO F 5 12.21 -5.78 -20.96
N THR F 6 11.98 -6.77 -21.80
CA THR F 6 10.82 -6.75 -22.68
C THR F 6 10.03 -7.98 -22.29
N PHE F 7 8.71 -7.85 -22.31
CA PHE F 7 7.86 -8.97 -21.95
C PHE F 7 6.84 -9.20 -23.03
N GLU F 8 6.19 -10.33 -22.99
CA GLU F 8 5.22 -10.53 -24.02
C GLU F 8 3.87 -10.01 -23.56
N ALA F 9 3.66 -9.95 -22.26
CA ALA F 9 2.38 -9.46 -21.75
C ALA F 9 2.40 -7.98 -21.34
N MET F 10 3.59 -7.49 -21.01
CA MET F 10 3.80 -6.10 -20.57
C MET F 10 4.56 -5.28 -21.61
N GLU F 11 4.17 -4.01 -21.72
CA GLU F 11 4.80 -3.05 -22.62
C GLU F 11 5.31 -1.94 -21.72
N LEU F 12 6.54 -1.49 -21.89
CA LEU F 12 7.03 -0.39 -21.06
C LEU F 12 6.15 0.86 -21.31
N ILE F 13 6.00 1.74 -20.32
CA ILE F 13 5.24 2.97 -20.48
C ILE F 13 6.32 4.02 -20.75
N GLY F 14 6.06 4.92 -21.70
CA GLY F 14 7.07 5.92 -22.04
C GLY F 14 8.13 5.28 -22.92
N LYS F 15 8.92 6.08 -23.64
CA LYS F 15 9.92 5.49 -24.54
C LYS F 15 11.25 5.15 -23.86
N PRO F 16 11.86 4.00 -24.23
CA PRO F 16 13.13 3.53 -23.68
C PRO F 16 14.31 4.53 -23.72
N LYS F 17 15.04 4.63 -22.62
CA LYS F 17 16.21 5.50 -22.55
C LYS F 17 17.39 4.53 -22.69
N PRO F 18 18.58 5.05 -23.03
CA PRO F 18 19.80 4.26 -23.22
C PRO F 18 20.46 3.93 -21.86
N TYR F 19 20.36 4.90 -20.95
CA TYR F 19 20.91 4.81 -19.60
C TYR F 19 19.87 5.29 -18.58
N TYR F 20 19.81 4.59 -17.46
CA TYR F 20 18.91 4.86 -16.34
C TYR F 20 19.74 5.00 -15.05
N GLU F 21 19.47 6.04 -14.25
CA GLU F 21 20.15 6.30 -12.95
C GLU F 21 19.82 5.20 -11.94
N ILE F 22 20.67 5.04 -10.94
CA ILE F 22 20.38 4.08 -9.89
C ILE F 22 19.21 4.71 -9.10
N GLY F 23 18.19 3.91 -8.83
CA GLY F 23 17.03 4.40 -8.12
C GLY F 23 15.93 4.86 -9.07
N GLU F 24 16.19 4.73 -10.37
CA GLU F 24 15.22 5.11 -11.39
C GLU F 24 14.19 3.99 -11.50
N ARG F 25 12.93 4.37 -11.63
CA ARG F 25 11.84 3.42 -11.72
C ARG F 25 11.08 3.44 -13.03
N VAL F 26 10.92 2.26 -13.65
CA VAL F 26 10.19 2.13 -14.90
C VAL F 26 8.90 1.37 -14.62
N ASP F 27 7.83 1.77 -15.32
CA ASP F 27 6.51 1.14 -15.16
C ASP F 27 6.03 0.56 -16.48
N TYR F 28 5.36 -0.57 -16.41
CA TYR F 28 4.84 -1.23 -17.60
C TYR F 28 3.33 -1.23 -17.62
N LYS F 29 2.74 -1.69 -18.72
CA LYS F 29 1.31 -1.77 -18.82
C LYS F 29 0.91 -3.11 -19.42
N CYS F 30 -0.36 -3.45 -19.28
CA CYS F 30 -0.85 -4.71 -19.82
C CYS F 30 -1.19 -4.52 -21.28
N LYS F 31 -0.50 -5.29 -22.12
CA LYS F 31 -0.70 -5.25 -23.57
C LYS F 31 -2.18 -5.46 -23.89
N LYS F 32 -2.74 -4.60 -24.75
CA LYS F 32 -4.17 -4.59 -25.10
C LYS F 32 -5.14 -5.74 -24.72
N GLY F 33 -4.85 -6.98 -25.14
CA GLY F 33 -5.72 -8.10 -24.84
C GLY F 33 -5.40 -8.87 -23.57
N TYR F 34 -4.76 -8.14 -22.67
CA TYR F 34 -4.33 -8.66 -21.39
C TYR F 34 -4.94 -7.76 -20.32
N PHE F 35 -5.15 -8.30 -19.13
CA PHE F 35 -5.75 -7.53 -18.04
C PHE F 35 -4.93 -7.67 -16.79
N TYR F 36 -5.04 -6.66 -15.94
CA TYR F 36 -4.29 -6.66 -14.68
C TYR F 36 -5.05 -7.25 -13.51
N ILE F 37 -4.45 -8.24 -12.85
CA ILE F 37 -5.04 -8.84 -11.66
C ILE F 37 -4.04 -8.74 -10.51
N PRO F 38 -4.45 -8.09 -9.44
CA PRO F 38 -3.71 -7.84 -8.20
C PRO F 38 -3.17 -9.16 -7.64
N PRO F 39 -2.08 -9.11 -6.83
CA PRO F 39 -1.29 -7.98 -6.34
C PRO F 39 0.07 -7.71 -7.02
N LEU F 40 0.58 -8.68 -7.78
CA LEU F 40 1.90 -8.57 -8.44
C LEU F 40 2.26 -7.26 -9.13
N ALA F 41 3.56 -6.93 -9.15
CA ALA F 41 3.96 -5.68 -9.78
C ALA F 41 4.57 -5.66 -11.16
N THR F 42 4.24 -4.56 -11.81
CA THR F 42 4.62 -4.22 -13.15
C THR F 42 5.30 -2.85 -13.16
N HIS F 43 6.48 -2.83 -12.54
CA HIS F 43 7.35 -1.67 -12.46
C HIS F 43 8.67 -2.23 -11.97
N THR F 44 9.75 -1.56 -12.28
CA THR F 44 11.03 -2.04 -11.80
C THR F 44 11.99 -0.90 -11.46
N ILE F 45 12.89 -1.22 -10.56
CA ILE F 45 13.84 -0.25 -10.07
C ILE F 45 15.25 -0.63 -10.44
N CYS F 46 16.04 0.41 -10.66
CA CYS F 46 17.45 0.30 -11.03
C CYS F 46 18.35 0.15 -9.82
N ASP F 47 18.92 -1.05 -9.64
CA ASP F 47 19.76 -1.36 -8.48
C ASP F 47 21.24 -0.89 -8.43
N ARG F 48 21.89 -1.00 -7.26
CA ARG F 48 23.29 -0.56 -7.05
C ARG F 48 24.34 -1.25 -7.86
N ASN F 49 23.90 -2.30 -8.51
CA ASN F 49 24.73 -3.10 -9.35
C ASN F 49 24.50 -2.74 -10.80
N HIS F 50 23.56 -1.82 -10.96
CA HIS F 50 23.15 -1.30 -12.24
C HIS F 50 22.39 -2.33 -13.07
N THR F 51 21.60 -3.13 -12.36
CA THR F 51 20.73 -4.15 -12.95
C THR F 51 19.31 -3.78 -12.49
N TRP F 52 18.31 -4.35 -13.14
CA TRP F 52 16.92 -4.08 -12.78
C TRP F 52 16.49 -5.13 -11.78
N LEU F 53 15.56 -4.76 -10.90
CA LEU F 53 15.06 -5.71 -9.92
C LEU F 53 14.20 -6.68 -10.71
N PRO F 54 14.19 -7.95 -10.31
CA PRO F 54 13.37 -8.92 -11.05
C PRO F 54 11.91 -8.46 -11.09
N VAL F 55 11.21 -8.81 -12.16
CA VAL F 55 9.81 -8.47 -12.32
C VAL F 55 9.27 -9.40 -13.39
N SER F 56 7.95 -9.60 -13.42
CA SER F 56 7.36 -10.46 -14.42
C SER F 56 6.03 -9.93 -14.94
N ASP F 57 5.67 -10.43 -16.13
CA ASP F 57 4.44 -10.10 -16.89
C ASP F 57 3.22 -10.87 -16.36
N ASP F 58 3.49 -11.82 -15.45
CA ASP F 58 2.49 -12.66 -14.81
C ASP F 58 1.25 -11.94 -14.27
N ALA F 59 1.39 -10.70 -13.83
CA ALA F 59 0.26 -9.93 -13.31
C ALA F 59 -0.76 -9.66 -14.45
N CYS F 60 -0.30 -9.87 -15.68
CA CYS F 60 -1.10 -9.67 -16.88
C CYS F 60 -1.67 -10.99 -17.42
N TYR F 61 -2.99 -11.04 -17.41
CA TYR F 61 -3.80 -12.16 -17.84
C TYR F 61 -4.26 -12.02 -19.26
N ARG F 62 -4.19 -13.10 -20.03
CA ARG F 62 -4.74 -13.02 -21.36
C ARG F 62 -6.07 -13.71 -21.21
N GLU F 63 -6.97 -13.50 -22.15
CA GLU F 63 -8.33 -14.05 -22.08
C GLU F 63 -8.35 -15.47 -21.57
N THR F 64 -9.47 -15.81 -20.94
CA THR F 64 -9.68 -17.11 -20.36
C THR F 64 -10.96 -17.80 -20.84
N CYS F 65 -10.97 -19.11 -20.66
CA CYS F 65 -12.08 -19.96 -20.99
C CYS F 65 -12.96 -20.13 -19.75
N PRO F 66 -14.28 -20.36 -19.92
CA PRO F 66 -15.17 -20.53 -18.76
C PRO F 66 -14.79 -21.69 -17.83
N TYR F 67 -15.21 -21.58 -16.58
CA TYR F 67 -14.95 -22.59 -15.54
C TYR F 67 -15.52 -23.96 -15.94
N ILE F 68 -14.90 -25.05 -15.48
CA ILE F 68 -15.38 -26.40 -15.79
C ILE F 68 -15.53 -27.20 -14.47
N ARG F 69 -16.77 -27.38 -13.98
CA ARG F 69 -17.02 -28.11 -12.72
C ARG F 69 -16.60 -29.57 -12.87
N ASP F 70 -15.78 -30.07 -11.94
CA ASP F 70 -15.34 -31.48 -11.98
C ASP F 70 -16.62 -32.31 -12.24
N PRO F 71 -16.74 -32.91 -13.43
CA PRO F 71 -17.93 -33.71 -13.77
C PRO F 71 -18.14 -34.87 -12.79
N LEU F 72 -19.39 -35.31 -12.61
CA LEU F 72 -19.69 -36.38 -11.63
C LEU F 72 -18.64 -37.48 -11.52
N ASN F 73 -18.17 -37.70 -10.29
CA ASN F 73 -17.17 -38.74 -10.01
C ASN F 73 -15.86 -38.55 -10.73
N GLY F 74 -15.54 -37.32 -11.07
CA GLY F 74 -14.30 -37.07 -11.77
C GLY F 74 -13.86 -35.64 -11.68
N GLN F 75 -12.65 -35.45 -11.20
CA GLN F 75 -12.05 -34.13 -11.05
C GLN F 75 -11.59 -33.55 -12.41
N ALA F 76 -11.93 -32.29 -12.66
CA ALA F 76 -11.55 -31.57 -13.88
C ALA F 76 -10.35 -30.71 -13.45
N VAL F 77 -9.19 -30.85 -14.10
CA VAL F 77 -7.97 -30.11 -13.68
C VAL F 77 -7.12 -29.35 -14.73
N PRO F 78 -6.88 -28.02 -14.53
CA PRO F 78 -6.08 -27.34 -15.55
C PRO F 78 -4.55 -27.47 -15.46
N ALA F 79 -3.97 -28.38 -16.24
CA ALA F 79 -2.50 -28.50 -16.29
C ALA F 79 -2.11 -27.09 -16.73
N ASN F 80 -0.87 -26.67 -16.54
CA ASN F 80 -0.48 -25.28 -16.85
C ASN F 80 -1.20 -24.30 -15.88
N GLY F 81 -1.82 -24.82 -14.82
CA GLY F 81 -2.53 -24.01 -13.83
C GLY F 81 -3.21 -22.71 -14.23
N THR F 82 -3.81 -22.67 -15.40
CA THR F 82 -4.49 -21.45 -15.88
C THR F 82 -5.61 -21.80 -16.85
N TYR F 83 -6.58 -20.90 -16.95
CA TYR F 83 -7.74 -21.04 -17.83
C TYR F 83 -7.55 -20.07 -18.98
N GLU F 84 -6.30 -19.69 -19.22
CA GLU F 84 -5.98 -18.78 -20.29
C GLU F 84 -5.89 -19.60 -21.55
N PHE F 85 -6.11 -18.97 -22.69
CA PHE F 85 -6.02 -19.65 -23.97
C PHE F 85 -4.55 -19.97 -24.26
N GLY F 86 -4.30 -21.14 -24.85
CA GLY F 86 -2.95 -21.55 -25.14
C GLY F 86 -2.59 -22.71 -24.23
N TYR F 87 -3.51 -23.02 -23.32
CA TYR F 87 -3.37 -24.09 -22.35
C TYR F 87 -4.52 -25.07 -22.41
N GLN F 88 -4.42 -26.14 -21.62
CA GLN F 88 -5.44 -27.15 -21.64
C GLN F 88 -5.92 -27.68 -20.29
N MET F 89 -7.09 -28.30 -20.35
CA MET F 89 -7.77 -28.89 -19.20
C MET F 89 -7.64 -30.41 -19.33
N HIS F 90 -7.37 -31.10 -18.22
CA HIS F 90 -7.27 -32.57 -18.21
C HIS F 90 -8.46 -33.08 -17.40
N PHE F 91 -8.75 -34.37 -17.49
CA PHE F 91 -9.86 -34.96 -16.74
C PHE F 91 -9.38 -36.34 -16.36
N ILE F 92 -9.66 -36.75 -15.12
CA ILE F 92 -9.28 -38.10 -14.66
C ILE F 92 -10.54 -38.62 -14.01
N CYS F 93 -10.97 -39.82 -14.39
CA CYS F 93 -12.13 -40.40 -13.77
C CYS F 93 -11.72 -41.08 -12.47
N ASN F 94 -12.65 -41.06 -11.52
CA ASN F 94 -12.46 -41.65 -10.20
C ASN F 94 -12.41 -43.16 -10.33
N GLU F 95 -11.60 -43.80 -9.49
CA GLU F 95 -11.45 -45.25 -9.56
C GLU F 95 -12.81 -45.94 -9.62
N GLY F 96 -12.98 -46.68 -10.72
CA GLY F 96 -14.20 -47.41 -11.01
C GLY F 96 -14.90 -46.71 -12.15
N TYR F 97 -14.20 -45.78 -12.83
CA TYR F 97 -14.77 -45.00 -13.94
C TYR F 97 -13.97 -44.85 -15.25
N TYR F 98 -14.72 -44.88 -16.37
CA TYR F 98 -14.17 -44.75 -17.72
C TYR F 98 -14.59 -43.42 -18.31
N LEU F 99 -13.62 -42.73 -18.87
CA LEU F 99 -13.81 -41.42 -19.46
C LEU F 99 -14.40 -41.48 -20.86
N ILE F 100 -15.49 -40.73 -21.08
CA ILE F 100 -16.21 -40.64 -22.36
C ILE F 100 -16.29 -39.23 -22.90
N GLY F 101 -15.24 -38.84 -23.58
CA GLY F 101 -15.14 -37.53 -24.18
C GLY F 101 -13.67 -37.50 -24.45
N GLU F 102 -13.08 -36.32 -24.50
CA GLU F 102 -11.66 -36.27 -24.74
C GLU F 102 -11.02 -36.20 -23.36
N GLU F 103 -9.83 -36.78 -23.25
CA GLU F 103 -9.13 -36.74 -21.99
C GLU F 103 -8.65 -35.28 -21.79
N ILE F 104 -8.21 -34.65 -22.88
CA ILE F 104 -7.69 -33.28 -22.86
C ILE F 104 -8.54 -32.32 -23.69
N LEU F 105 -8.62 -31.06 -23.29
CA LEU F 105 -9.38 -30.04 -24.00
C LEU F 105 -8.56 -28.77 -24.08
N TYR F 106 -8.63 -28.07 -25.20
CA TYR F 106 -7.85 -26.88 -25.39
C TYR F 106 -8.64 -25.59 -25.36
N CYS F 107 -8.12 -24.64 -24.59
CA CYS F 107 -8.73 -23.35 -24.47
C CYS F 107 -7.86 -22.58 -25.42
N GLU F 108 -8.46 -21.92 -26.39
CA GLU F 108 -7.72 -21.16 -27.39
C GLU F 108 -8.64 -20.07 -27.90
N LEU F 109 -8.06 -19.15 -28.66
CA LEU F 109 -8.77 -17.99 -29.15
C LEU F 109 -9.24 -18.07 -30.59
N LYS F 110 -10.52 -18.37 -30.72
CA LYS F 110 -11.25 -18.52 -31.97
C LYS F 110 -12.36 -17.45 -31.99
N GLY F 111 -12.41 -16.63 -33.05
CA GLY F 111 -13.32 -15.49 -33.08
C GLY F 111 -12.40 -14.61 -32.24
N SER F 112 -12.82 -13.57 -31.55
CA SER F 112 -11.76 -13.00 -30.72
C SER F 112 -12.06 -13.07 -29.26
N VAL F 113 -12.25 -14.33 -28.91
CA VAL F 113 -12.62 -14.83 -27.59
C VAL F 113 -11.92 -16.19 -27.34
N ALA F 114 -11.72 -16.53 -26.07
CA ALA F 114 -11.09 -17.80 -25.71
C ALA F 114 -12.26 -18.74 -25.50
N ILE F 115 -12.22 -19.86 -26.18
CA ILE F 115 -13.29 -20.83 -26.16
C ILE F 115 -12.64 -22.20 -26.06
N TRP F 116 -13.23 -23.08 -25.25
CA TRP F 116 -12.72 -24.43 -25.09
C TRP F 116 -13.03 -25.16 -26.40
N SER F 117 -12.13 -26.02 -26.85
CA SER F 117 -12.27 -26.77 -28.10
C SER F 117 -13.37 -27.86 -28.16
N GLY F 118 -14.04 -28.13 -27.05
CA GLY F 118 -15.10 -29.13 -27.04
C GLY F 118 -15.95 -29.19 -25.78
N LYS F 119 -16.78 -30.21 -25.68
CA LYS F 119 -17.61 -30.39 -24.49
C LYS F 119 -16.82 -31.28 -23.52
N PRO F 120 -16.85 -30.96 -22.22
CA PRO F 120 -16.16 -31.74 -21.17
C PRO F 120 -16.59 -33.19 -21.16
N PRO F 121 -15.64 -34.15 -21.16
CA PRO F 121 -16.10 -35.54 -21.17
C PRO F 121 -16.97 -35.89 -19.95
N ILE F 122 -17.46 -37.12 -19.92
CA ILE F 122 -18.27 -37.59 -18.78
C ILE F 122 -17.57 -38.84 -18.24
N CYS F 123 -17.82 -39.17 -16.98
CA CYS F 123 -17.19 -40.35 -16.40
C CYS F 123 -18.18 -41.48 -16.30
N GLU F 124 -17.69 -42.71 -16.45
CA GLU F 124 -18.60 -43.86 -16.42
C GLU F 124 -18.46 -45.09 -15.52
N LYS F 125 -19.67 -45.51 -15.19
CA LYS F 125 -20.13 -46.64 -14.37
C LYS F 125 -19.45 -48.01 -14.55
N VAL F 126 -19.71 -48.52 -15.76
CA VAL F 126 -19.38 -49.82 -16.25
C VAL F 126 -20.39 -50.77 -15.60
#